data_3HYT
#
_entry.id   3HYT
#
_cell.length_a   76.000
_cell.length_b   46.410
_cell.length_c   120.070
_cell.angle_alpha   90.00
_cell.angle_beta   94.95
_cell.angle_gamma   90.00
#
_symmetry.space_group_name_H-M   'P 1 21 1'
#
loop_
_entity.id
_entity.type
_entity.pdbx_description
1 polymer 'Ferrous iron transport protein B'
2 non-polymer 2-amino-9-(5-O-[(R)-hydroxy{[(R)-hydroxy(phosphonoamino)phosphoryl]oxy}phosphoryl]-3-O-{[2-(methylamino)phenyl]carbonyl}-beta-D-erythro-pentofuranosyl-2-ulose)-1,9-dihydro-6H-purin-6-one
3 non-polymer 'MAGNESIUM ION'
4 water water
#
_entity_poly.entity_id   1
_entity_poly.type   'polypeptide(L)'
_entity_poly.pdbx_seq_one_letter_code
;MKKLTIGLIGNPNSGKTTLFNQLTGSRQRVGNWAGVTVERKEGQFSTTDHQVTLVDLPGTYSLTTISSQTSLDEQIACHY
ILSGDADLLINVVDASNLERNLYLTLQLLELGIPCIVALNMLDIAEKQNIRIEIDALSARLGCPVIPLVSTRGRGIEALK
LAIDRYKANENVELVHYAQPLLNEADSLAKVMPSDIPLKQRRWLGLQMLEGDIYSRAYAGEASQHLDAALARLRNEMDDP
ALHIADARYQCIAAICDVVSNTLTAEPSRF
;
_entity_poly.pdbx_strand_id   A,B,C
#
loop_
_chem_comp.id
_chem_comp.type
_chem_comp.name
_chem_comp.formula
AGO non-polymer 2-amino-9-(5-O-[(R)-hydroxy{[(R)-hydroxy(phosphonoamino)phosphoryl]oxy}phosphoryl]-3-O-{[2-(methylamino)phenyl]carbonyl}-beta-D-erythro-pentofuranosyl-2-ulose)-1,9-dihydro-6H-purin-6-one 'C18 H22 N7 O14 P3'
MG non-polymer 'MAGNESIUM ION' 'Mg 2'
#
# COMPACT_ATOMS: atom_id res chain seq x y z
N LYS A 2 25.48 -15.24 10.28
CA LYS A 2 24.62 -16.14 11.10
C LYS A 2 23.98 -17.21 10.24
N LYS A 3 23.91 -18.43 10.78
CA LYS A 3 23.28 -19.55 10.10
C LYS A 3 21.78 -19.48 10.32
N LEU A 4 21.01 -19.84 9.29
CA LEU A 4 19.55 -19.84 9.38
C LEU A 4 18.97 -21.18 8.97
N THR A 5 17.84 -21.54 9.57
CA THR A 5 17.07 -22.69 9.14
C THR A 5 15.70 -22.24 8.63
N ILE A 6 15.39 -22.62 7.40
CA ILE A 6 14.15 -22.23 6.73
C ILE A 6 13.40 -23.47 6.21
N GLY A 7 12.10 -23.52 6.47
CA GLY A 7 11.26 -24.59 5.98
C GLY A 7 10.38 -24.14 4.84
N LEU A 8 10.40 -24.88 3.73
CA LEU A 8 9.45 -24.64 2.63
C LEU A 8 8.13 -25.32 2.96
N ILE A 9 7.07 -24.51 3.05
CA ILE A 9 5.75 -25.04 3.38
C ILE A 9 4.66 -24.49 2.47
N GLY A 10 3.83 -25.39 1.95
CA GLY A 10 2.72 -25.03 1.08
C GLY A 10 1.83 -26.21 0.77
N ASN A 11 0.87 -25.98 -0.11
CA ASN A 11 0.02 -27.05 -0.62
C ASN A 11 0.80 -28.04 -1.48
N PRO A 12 0.28 -29.27 -1.65
CA PRO A 12 0.83 -30.12 -2.70
C PRO A 12 0.68 -29.45 -4.08
N ASN A 13 1.68 -29.67 -4.95
CA ASN A 13 1.71 -29.09 -6.30
C ASN A 13 1.72 -27.57 -6.34
N SER A 14 2.29 -26.95 -5.31
CA SER A 14 2.39 -25.49 -5.27
C SER A 14 3.74 -25.01 -5.81
N GLY A 15 4.68 -25.94 -5.97
CA GLY A 15 5.98 -25.64 -6.56
C GLY A 15 7.15 -25.66 -5.58
N LYS A 16 6.93 -26.28 -4.43
CA LYS A 16 7.93 -26.33 -3.35
C LYS A 16 9.25 -26.94 -3.78
N THR A 17 9.21 -28.10 -4.43
CA THR A 17 10.42 -28.79 -4.88
C THR A 17 11.14 -28.00 -5.96
N THR A 18 10.38 -27.47 -6.93
CA THR A 18 10.93 -26.60 -7.98
C THR A 18 11.71 -25.45 -7.36
N LEU A 19 11.14 -24.85 -6.31
CA LEU A 19 11.79 -23.77 -5.59
C LEU A 19 13.00 -24.27 -4.82
N PHE A 20 12.86 -25.45 -4.21
CA PHE A 20 13.95 -26.10 -3.49
C PHE A 20 15.17 -26.31 -4.39
N ASN A 21 14.95 -26.87 -5.58
CA ASN A 21 16.01 -27.09 -6.56
C ASN A 21 16.68 -25.79 -7.02
N GLN A 22 15.86 -24.81 -7.35
CA GLN A 22 16.33 -23.49 -7.80
C GLN A 22 17.23 -22.82 -6.77
N LEU A 23 16.94 -23.03 -5.49
CA LEU A 23 17.71 -22.41 -4.42
C LEU A 23 18.97 -23.19 -4.03
N THR A 24 18.90 -24.52 -4.06
CA THR A 24 20.02 -25.35 -3.61
C THR A 24 20.76 -26.12 -4.72
N GLY A 25 20.01 -26.82 -5.56
CA GLY A 25 20.59 -27.61 -6.63
C GLY A 25 21.20 -28.92 -6.14
N SER A 26 22.52 -29.02 -6.24
CA SER A 26 23.25 -30.25 -5.89
C SER A 26 23.61 -30.33 -4.40
N ARG A 27 23.30 -29.28 -3.65
CA ARG A 27 23.60 -29.22 -2.22
C ARG A 27 22.43 -29.73 -1.38
N GLN A 28 21.97 -30.95 -1.70
CA GLN A 28 20.79 -31.54 -1.05
C GLN A 28 21.05 -32.94 -0.46
N ARG A 29 20.35 -33.24 0.63
CA ARG A 29 20.44 -34.56 1.29
C ARG A 29 19.05 -35.11 1.63
N VAL A 30 18.85 -36.38 1.31
CA VAL A 30 17.56 -37.06 1.54
C VAL A 30 17.40 -37.43 3.02
N ARG A 40 13.51 -36.44 6.05
CA ARG A 40 13.42 -35.07 5.56
C ARG A 40 14.43 -34.79 4.46
N LYS A 41 14.14 -33.82 3.60
CA LYS A 41 15.07 -33.38 2.57
C LYS A 41 15.61 -31.98 2.86
N GLU A 42 16.91 -31.91 3.13
CA GLU A 42 17.58 -30.67 3.48
C GLU A 42 18.40 -30.13 2.32
N GLY A 43 18.71 -28.83 2.37
CA GLY A 43 19.48 -28.16 1.33
C GLY A 43 20.25 -26.97 1.86
N GLN A 44 21.30 -26.57 1.14
CA GLN A 44 22.15 -25.46 1.57
C GLN A 44 22.31 -24.42 0.46
N PHE A 45 22.17 -23.14 0.84
CA PHE A 45 22.55 -22.01 -0.02
C PHE A 45 22.94 -20.82 0.84
N SER A 46 23.56 -19.81 0.22
CA SER A 46 24.01 -18.63 0.94
C SER A 46 23.50 -17.34 0.33
N THR A 47 22.88 -16.52 1.16
CA THR A 47 22.47 -15.17 0.79
C THR A 47 23.59 -14.19 1.17
N THR A 48 23.33 -12.90 1.10
CA THR A 48 24.32 -11.87 1.41
C THR A 48 24.81 -11.94 2.87
N ASP A 49 23.88 -12.01 3.80
CA ASP A 49 24.22 -12.01 5.24
C ASP A 49 24.27 -13.39 5.89
N HIS A 50 23.57 -14.37 5.31
CA HIS A 50 23.35 -15.64 5.99
C HIS A 50 23.74 -16.89 5.19
N GLN A 51 24.09 -17.94 5.93
CA GLN A 51 24.17 -19.29 5.38
C GLN A 51 22.85 -19.98 5.75
N VAL A 52 22.20 -20.57 4.76
CA VAL A 52 20.85 -21.11 4.96
C VAL A 52 20.79 -22.63 4.85
N THR A 53 20.05 -23.24 5.76
CA THR A 53 19.60 -24.62 5.61
C THR A 53 18.13 -24.61 5.22
N LEU A 54 17.81 -25.17 4.06
CA LEU A 54 16.44 -25.21 3.56
C LEU A 54 15.83 -26.60 3.67
N VAL A 55 14.70 -26.69 4.37
CA VAL A 55 14.02 -27.96 4.60
C VAL A 55 12.76 -28.08 3.73
N ASP A 56 12.72 -29.12 2.89
CA ASP A 56 11.56 -29.38 2.03
C ASP A 56 10.49 -30.18 2.79
N LEU A 57 9.64 -29.48 3.51
CA LEU A 57 8.54 -30.10 4.26
C LEU A 57 7.51 -30.72 3.30
N PRO A 58 6.93 -31.88 3.69
CA PRO A 58 5.93 -32.54 2.84
C PRO A 58 4.65 -31.72 2.68
N GLY A 59 4.15 -31.63 1.45
CA GLY A 59 2.96 -30.84 1.12
C GLY A 59 1.76 -31.07 2.02
N THR A 60 1.03 -29.99 2.31
CA THR A 60 -0.15 -30.05 3.18
C THR A 60 -1.13 -28.91 2.88
N TYR A 61 -2.43 -29.20 2.97
CA TYR A 61 -3.46 -28.18 2.79
C TYR A 61 -3.75 -27.48 4.12
N SER A 62 -3.73 -28.25 5.20
CA SER A 62 -3.99 -27.76 6.53
C SER A 62 -3.14 -28.53 7.53
N LEU A 63 -2.69 -27.85 8.58
CA LEU A 63 -1.99 -28.51 9.69
C LEU A 63 -2.96 -29.38 10.49
N THR A 64 -4.21 -29.42 10.04
CA THR A 64 -5.31 -30.11 10.72
C THR A 64 -5.96 -31.13 9.79
N SER A 71 -3.27 -38.49 5.40
CA SER A 71 -2.66 -37.35 6.09
C SER A 71 -1.35 -37.74 6.80
N LEU A 72 -0.58 -38.60 6.15
CA LEU A 72 0.71 -39.05 6.69
C LEU A 72 1.81 -37.99 6.56
N ASP A 73 1.74 -37.21 5.47
CA ASP A 73 2.65 -36.09 5.24
C ASP A 73 2.25 -34.88 6.07
N GLU A 74 0.95 -34.78 6.36
CA GLU A 74 0.38 -33.69 7.13
C GLU A 74 0.93 -33.64 8.56
N GLN A 75 1.04 -34.80 9.19
CA GLN A 75 1.49 -34.90 10.58
C GLN A 75 2.99 -34.60 10.74
N ILE A 76 3.77 -34.99 9.74
CA ILE A 76 5.20 -34.71 9.70
C ILE A 76 5.45 -33.20 9.70
N ALA A 77 4.78 -32.50 8.79
CA ALA A 77 4.89 -31.05 8.66
C ALA A 77 4.40 -30.32 9.92
N CYS A 78 3.26 -30.78 10.44
CA CYS A 78 2.62 -30.13 11.60
C CYS A 78 3.52 -30.07 12.82
N HIS A 79 4.04 -31.22 13.25
CA HIS A 79 4.88 -31.32 14.45
C HIS A 79 6.14 -30.47 14.34
N TYR A 80 6.75 -30.44 13.16
CA TYR A 80 7.92 -29.62 12.89
C TYR A 80 7.60 -28.12 13.03
N ILE A 81 6.46 -27.73 12.50
CA ILE A 81 6.00 -26.34 12.54
C ILE A 81 5.80 -25.85 13.99
N LEU A 82 5.14 -26.67 14.80
CA LEU A 82 4.88 -26.33 16.20
C LEU A 82 6.12 -26.39 17.11
N SER A 83 7.14 -27.13 16.69
CA SER A 83 8.36 -27.31 17.48
C SER A 83 9.15 -26.01 17.68
N GLY A 84 9.12 -25.15 16.67
CA GLY A 84 9.86 -23.88 16.70
C GLY A 84 11.33 -24.05 16.32
N ASP A 85 11.61 -25.06 15.50
CA ASP A 85 12.96 -25.36 15.04
C ASP A 85 13.50 -24.27 14.11
N ALA A 86 12.80 -24.05 13.01
CA ALA A 86 13.22 -23.09 11.98
C ALA A 86 13.03 -21.65 12.43
N ASP A 87 13.98 -20.78 12.07
CA ASP A 87 13.88 -19.36 12.36
C ASP A 87 12.79 -18.71 11.51
N LEU A 88 12.66 -19.16 10.27
CA LEU A 88 11.82 -18.51 9.28
C LEU A 88 11.17 -19.55 8.37
N LEU A 89 10.00 -19.20 7.83
CA LEU A 89 9.31 -20.06 6.88
C LEU A 89 9.09 -19.37 5.53
N ILE A 90 9.32 -20.12 4.46
CA ILE A 90 8.90 -19.68 3.13
C ILE A 90 7.65 -20.44 2.72
N ASN A 91 6.51 -19.78 2.90
CA ASN A 91 5.21 -20.33 2.56
C ASN A 91 4.92 -20.20 1.06
N VAL A 92 4.99 -21.34 0.38
CA VAL A 92 4.84 -21.39 -1.08
C VAL A 92 3.36 -21.45 -1.45
N VAL A 93 2.90 -20.42 -2.15
CA VAL A 93 1.50 -20.26 -2.48
C VAL A 93 1.30 -20.26 -4.00
N ASP A 94 0.39 -21.12 -4.46
CA ASP A 94 -0.06 -21.14 -5.85
C ASP A 94 -1.00 -19.97 -6.09
N ALA A 95 -0.60 -19.07 -6.98
CA ALA A 95 -1.38 -17.85 -7.25
C ALA A 95 -2.72 -18.10 -7.95
N SER A 96 -2.86 -19.24 -8.61
CA SER A 96 -4.07 -19.57 -9.36
C SER A 96 -5.16 -20.23 -8.51
N ASN A 97 -4.83 -20.58 -7.27
CA ASN A 97 -5.79 -21.11 -6.32
C ASN A 97 -5.64 -20.40 -5.00
N LEU A 98 -5.53 -19.08 -5.06
CA LEU A 98 -5.18 -18.25 -3.91
C LEU A 98 -5.99 -18.58 -2.66
N GLU A 99 -7.31 -18.56 -2.79
CA GLU A 99 -8.22 -18.82 -1.67
C GLU A 99 -7.90 -20.13 -0.93
N ARG A 100 -7.80 -21.23 -1.67
CA ARG A 100 -7.51 -22.55 -1.11
C ARG A 100 -6.13 -22.60 -0.41
N ASN A 101 -5.16 -21.89 -0.98
CA ASN A 101 -3.81 -21.81 -0.43
C ASN A 101 -3.71 -21.00 0.87
N LEU A 102 -4.56 -19.98 0.99
CA LEU A 102 -4.51 -19.05 2.11
C LEU A 102 -4.97 -19.63 3.44
N TYR A 103 -5.60 -20.80 3.41
CA TYR A 103 -6.01 -21.45 4.65
C TYR A 103 -4.79 -21.85 5.48
N LEU A 104 -3.79 -22.43 4.82
CA LEU A 104 -2.54 -22.82 5.48
C LEU A 104 -1.73 -21.58 5.88
N THR A 105 -1.65 -20.61 4.99
CA THR A 105 -0.98 -19.33 5.23
C THR A 105 -1.48 -18.69 6.52
N LEU A 106 -2.80 -18.70 6.68
CA LEU A 106 -3.46 -18.08 7.82
C LEU A 106 -3.15 -18.80 9.12
N GLN A 107 -3.09 -20.13 9.07
CA GLN A 107 -2.68 -20.94 10.21
C GLN A 107 -1.28 -20.54 10.68
N LEU A 108 -0.32 -20.50 9.75
CA LEU A 108 1.05 -20.12 10.06
C LEU A 108 1.14 -18.71 10.65
N LEU A 109 0.33 -17.81 10.12
CA LEU A 109 0.34 -16.41 10.54
C LEU A 109 -0.37 -16.21 11.88
N GLU A 110 -1.43 -16.98 12.13
CA GLU A 110 -2.11 -16.99 13.42
C GLU A 110 -1.22 -17.58 14.51
N LEU A 111 -0.30 -18.46 14.10
CA LEU A 111 0.69 -19.05 14.99
C LEU A 111 1.86 -18.12 15.30
N GLY A 112 1.95 -17.01 14.57
CA GLY A 112 2.99 -16.01 14.80
C GLY A 112 4.38 -16.37 14.31
N ILE A 113 4.51 -17.51 13.64
CA ILE A 113 5.80 -17.94 13.06
C ILE A 113 6.23 -17.00 11.94
N PRO A 114 7.47 -16.48 12.01
CA PRO A 114 8.05 -15.62 10.98
C PRO A 114 7.83 -16.22 9.58
N CYS A 115 7.23 -15.44 8.69
CA CYS A 115 6.81 -15.94 7.39
CA CYS A 115 6.81 -15.93 7.38
C CYS A 115 7.16 -15.00 6.23
N ILE A 116 7.52 -15.62 5.10
CA ILE A 116 7.63 -14.94 3.82
C ILE A 116 6.77 -15.74 2.85
N VAL A 117 5.78 -15.09 2.25
CA VAL A 117 4.93 -15.74 1.27
C VAL A 117 5.56 -15.67 -0.11
N ALA A 118 5.83 -16.83 -0.69
CA ALA A 118 6.36 -16.92 -2.04
C ALA A 118 5.21 -17.17 -3.01
N LEU A 119 4.76 -16.12 -3.69
CA LEU A 119 3.68 -16.22 -4.67
C LEU A 119 4.14 -16.91 -5.95
N ASN A 120 3.88 -18.21 -6.04
CA ASN A 120 4.39 -19.01 -7.14
C ASN A 120 3.35 -19.12 -8.27
N MET A 121 3.78 -19.64 -9.41
CA MET A 121 2.91 -19.88 -10.57
C MET A 121 2.15 -18.62 -11.03
N LEU A 122 2.87 -17.49 -11.08
CA LEU A 122 2.31 -16.23 -11.56
C LEU A 122 2.02 -16.26 -13.06
N ASP A 123 2.73 -17.12 -13.79
CA ASP A 123 2.53 -17.31 -15.22
C ASP A 123 1.21 -18.03 -15.53
N ILE A 124 0.78 -18.89 -14.61
CA ILE A 124 -0.49 -19.59 -14.74
C ILE A 124 -1.63 -18.66 -14.35
N ALA A 125 -1.45 -17.94 -13.24
CA ALA A 125 -2.38 -16.89 -12.83
C ALA A 125 -2.64 -15.89 -13.96
N GLU A 126 -1.58 -15.42 -14.61
CA GLU A 126 -1.68 -14.45 -15.69
C GLU A 126 -2.43 -14.99 -16.91
N LYS A 127 -2.12 -16.24 -17.29
CA LYS A 127 -2.80 -16.91 -18.40
C LYS A 127 -4.29 -17.07 -18.12
N GLN A 128 -4.63 -17.35 -16.86
CA GLN A 128 -6.03 -17.46 -16.45
C GLN A 128 -6.66 -16.10 -16.16
N ASN A 129 -5.92 -15.03 -16.48
CA ASN A 129 -6.40 -13.64 -16.32
C ASN A 129 -6.61 -13.22 -14.85
N ILE A 130 -5.88 -13.88 -13.95
CA ILE A 130 -5.94 -13.58 -12.51
C ILE A 130 -4.84 -12.60 -12.13
N ARG A 131 -5.25 -11.42 -11.66
CA ARG A 131 -4.30 -10.38 -11.23
C ARG A 131 -4.33 -10.21 -9.70
N ILE A 132 -3.15 -10.24 -9.08
CA ILE A 132 -3.02 -10.12 -7.62
C ILE A 132 -2.30 -8.82 -7.23
N GLU A 133 -2.93 -8.03 -6.37
CA GLU A 133 -2.31 -6.83 -5.81
C GLU A 133 -1.37 -7.19 -4.64
N ILE A 134 -0.07 -7.28 -4.96
CA ILE A 134 0.97 -7.79 -4.05
C ILE A 134 1.06 -7.06 -2.70
N ASP A 135 1.19 -5.73 -2.75
CA ASP A 135 1.33 -4.91 -1.54
C ASP A 135 0.11 -4.98 -0.63
N ALA A 136 -1.08 -5.03 -1.23
CA ALA A 136 -2.33 -5.12 -0.48
C ALA A 136 -2.41 -6.45 0.29
N LEU A 137 -1.96 -7.53 -0.35
CA LEU A 137 -1.89 -8.83 0.31
C LEU A 137 -0.90 -8.78 1.47
N SER A 138 0.27 -8.21 1.22
CA SER A 138 1.29 -8.02 2.24
C SER A 138 0.77 -7.24 3.44
N ALA A 139 0.01 -6.17 3.17
CA ALA A 139 -0.57 -5.33 4.21
C ALA A 139 -1.51 -6.08 5.16
N ARG A 140 -2.23 -7.05 4.62
CA ARG A 140 -3.24 -7.78 5.36
C ARG A 140 -2.69 -9.05 6.01
N LEU A 141 -1.75 -9.71 5.33
CA LEU A 141 -1.08 -10.86 5.91
C LEU A 141 -0.13 -10.41 7.01
N GLY A 142 0.54 -9.28 6.80
CA GLY A 142 1.47 -8.72 7.76
C GLY A 142 2.89 -9.21 7.58
N CYS A 143 3.18 -9.77 6.41
CA CYS A 143 4.49 -10.32 6.10
C CYS A 143 4.85 -10.06 4.63
N PRO A 144 6.13 -10.25 4.26
CA PRO A 144 6.55 -10.06 2.86
C PRO A 144 5.87 -11.04 1.89
N VAL A 145 5.48 -10.52 0.74
CA VAL A 145 4.93 -11.35 -0.34
C VAL A 145 5.81 -11.18 -1.59
N ILE A 146 6.39 -12.27 -2.06
CA ILE A 146 7.31 -12.23 -3.20
C ILE A 146 6.73 -13.01 -4.38
N PRO A 147 6.54 -12.34 -5.53
CA PRO A 147 6.06 -13.02 -6.73
C PRO A 147 7.14 -13.93 -7.30
N LEU A 148 6.73 -15.05 -7.87
CA LEU A 148 7.67 -16.05 -8.37
C LEU A 148 7.16 -16.80 -9.60
N VAL A 149 8.09 -17.15 -10.48
CA VAL A 149 7.90 -18.18 -11.49
C VAL A 149 9.08 -19.12 -11.31
N SER A 150 8.90 -20.15 -10.49
CA SER A 150 9.99 -21.04 -10.08
C SER A 150 10.63 -21.86 -11.21
N THR A 151 9.84 -22.20 -12.22
CA THR A 151 10.34 -22.98 -13.36
C THR A 151 11.31 -22.19 -14.24
N ARG A 152 11.12 -20.86 -14.28
CA ARG A 152 12.02 -19.98 -15.04
C ARG A 152 13.04 -19.28 -14.14
N GLY A 153 12.85 -19.39 -12.82
CA GLY A 153 13.77 -18.81 -11.85
C GLY A 153 13.52 -17.34 -11.52
N ARG A 154 12.48 -16.76 -12.14
CA ARG A 154 12.15 -15.35 -11.94
C ARG A 154 11.67 -15.08 -10.52
N GLY A 155 12.34 -14.14 -9.85
CA GLY A 155 11.95 -13.70 -8.51
C GLY A 155 12.84 -14.17 -7.38
N ILE A 156 13.88 -14.95 -7.71
CA ILE A 156 14.79 -15.53 -6.71
C ILE A 156 15.63 -14.46 -5.98
N GLU A 157 16.16 -13.51 -6.74
CA GLU A 157 16.94 -12.39 -6.20
C GLU A 157 16.13 -11.51 -5.20
N ALA A 158 14.81 -11.55 -5.32
CA ALA A 158 13.92 -10.79 -4.43
C ALA A 158 13.65 -11.56 -3.14
N LEU A 159 13.52 -12.88 -3.27
CA LEU A 159 13.27 -13.77 -2.14
C LEU A 159 14.50 -13.81 -1.21
N LYS A 160 15.69 -13.80 -1.79
CA LYS A 160 16.93 -13.75 -1.01
C LYS A 160 17.05 -12.44 -0.26
N LEU A 161 16.64 -11.35 -0.91
CA LEU A 161 16.62 -10.02 -0.29
C LEU A 161 15.66 -9.97 0.89
N ALA A 162 14.51 -10.62 0.74
CA ALA A 162 13.50 -10.69 1.80
C ALA A 162 14.04 -11.42 3.02
N ILE A 163 14.82 -12.48 2.80
CA ILE A 163 15.44 -13.25 3.88
C ILE A 163 16.42 -12.38 4.69
N ASP A 164 17.26 -11.63 3.99
CA ASP A 164 18.24 -10.74 4.63
C ASP A 164 17.58 -9.67 5.48
N ARG A 165 16.40 -9.22 5.05
CA ARG A 165 15.68 -8.13 5.72
C ARG A 165 14.61 -8.63 6.70
N TYR A 166 14.59 -9.93 6.97
CA TYR A 166 13.51 -10.53 7.74
C TYR A 166 13.40 -10.03 9.18
N LYS A 167 12.29 -9.34 9.44
CA LYS A 167 11.92 -8.92 10.78
C LYS A 167 10.75 -9.81 11.24
N ALA A 168 10.28 -9.59 12.46
CA ALA A 168 9.07 -10.28 12.94
C ALA A 168 7.86 -9.84 12.11
N ASN A 169 6.90 -10.74 11.93
CA ASN A 169 5.65 -10.40 11.26
C ASN A 169 4.92 -9.28 12.01
N GLU A 170 4.33 -8.35 11.27
CA GLU A 170 3.46 -7.33 11.84
C GLU A 170 2.38 -7.99 12.70
N ASN A 171 2.14 -7.45 13.89
CA ASN A 171 1.05 -7.94 14.73
C ASN A 171 -0.27 -7.32 14.31
N VAL A 172 -0.62 -7.53 13.05
CA VAL A 172 -1.85 -7.02 12.46
C VAL A 172 -2.99 -8.01 12.77
N GLU A 173 -4.21 -7.50 12.91
CA GLU A 173 -5.34 -8.38 13.20
C GLU A 173 -5.79 -9.17 11.97
N LEU A 174 -5.70 -10.50 12.06
CA LEU A 174 -6.05 -11.38 10.95
C LEU A 174 -7.52 -11.77 10.99
N VAL A 175 -7.88 -12.63 11.95
CA VAL A 175 -9.26 -13.13 12.05
C VAL A 175 -10.04 -12.40 13.15
N HIS A 176 -11.22 -11.89 12.78
CA HIS A 176 -12.07 -11.18 13.71
C HIS A 176 -13.09 -12.13 14.34
N TYR A 177 -12.68 -12.80 15.41
CA TYR A 177 -13.53 -13.75 16.13
C TYR A 177 -14.54 -13.02 17.01
N ALA A 178 -15.67 -13.67 17.27
CA ALA A 178 -16.65 -13.18 18.23
C ALA A 178 -15.95 -13.10 19.59
N GLN A 179 -16.23 -12.03 20.34
CA GLN A 179 -15.52 -11.78 21.60
C GLN A 179 -15.58 -12.95 22.58
N PRO A 180 -16.76 -13.60 22.74
CA PRO A 180 -16.81 -14.77 23.62
C PRO A 180 -15.90 -15.92 23.18
N LEU A 181 -15.56 -16.00 21.89
CA LEU A 181 -14.64 -17.02 21.41
C LEU A 181 -13.21 -16.73 21.86
N LEU A 182 -12.84 -15.45 21.82
CA LEU A 182 -11.53 -15.02 22.29
C LEU A 182 -11.37 -15.23 23.80
N ASN A 183 -12.41 -14.91 24.57
CA ASN A 183 -12.38 -15.08 26.02
C ASN A 183 -12.15 -16.52 26.43
N GLU A 184 -12.85 -17.44 25.74
CA GLU A 184 -12.77 -18.85 26.05
C GLU A 184 -11.46 -19.49 25.58
N ALA A 185 -10.93 -18.98 24.46
CA ALA A 185 -9.66 -19.45 23.93
C ALA A 185 -8.51 -19.07 24.85
N ASP A 186 -8.52 -17.82 25.33
CA ASP A 186 -7.51 -17.34 26.27
C ASP A 186 -7.59 -18.07 27.62
N SER A 187 -8.82 -18.40 28.04
CA SER A 187 -9.06 -19.18 29.24
C SER A 187 -8.41 -20.56 29.13
N LEU A 188 -8.55 -21.20 27.97
CA LEU A 188 -7.92 -22.49 27.71
C LEU A 188 -6.41 -22.35 27.57
N ALA A 189 -5.98 -21.27 26.93
CA ALA A 189 -4.57 -21.00 26.67
C ALA A 189 -3.76 -20.80 27.95
N LYS A 190 -4.31 -20.07 28.91
CA LYS A 190 -3.59 -19.75 30.16
C LYS A 190 -3.26 -21.00 30.99
N VAL A 191 -3.78 -22.14 30.55
CA VAL A 191 -3.68 -23.42 31.27
C VAL A 191 -2.76 -24.43 30.55
N MET A 192 -2.41 -24.14 29.30
CA MET A 192 -1.50 -24.98 28.52
C MET A 192 -0.04 -24.79 28.99
N PRO A 193 0.86 -25.74 28.63
CA PRO A 193 2.28 -25.67 29.02
C PRO A 193 2.94 -24.30 28.80
N SER A 194 3.73 -23.88 29.78
CA SER A 194 4.33 -22.55 29.81
C SER A 194 5.33 -22.30 28.68
N ASP A 195 6.01 -23.35 28.24
CA ASP A 195 7.07 -23.22 27.22
C ASP A 195 6.55 -22.91 25.82
N ILE A 196 5.23 -22.97 25.64
CA ILE A 196 4.61 -22.64 24.37
C ILE A 196 4.23 -21.15 24.36
N PRO A 197 4.60 -20.42 23.28
CA PRO A 197 4.22 -19.02 23.11
C PRO A 197 2.70 -18.82 23.19
N LEU A 198 2.29 -17.71 23.79
CA LEU A 198 0.86 -17.42 24.01
C LEU A 198 0.06 -17.45 22.71
N LYS A 199 0.63 -16.87 21.66
CA LYS A 199 0.02 -16.82 20.34
C LYS A 199 -0.31 -18.22 19.82
N GLN A 200 0.57 -19.18 20.10
CA GLN A 200 0.34 -20.57 19.72
C GLN A 200 -0.65 -21.26 20.64
N ARG A 201 -0.66 -20.87 21.91
CA ARG A 201 -1.58 -21.44 22.88
C ARG A 201 -3.01 -20.99 22.59
N ARG A 202 -3.17 -19.72 22.21
CA ARG A 202 -4.48 -19.18 21.85
C ARG A 202 -5.06 -19.87 20.61
N TRP A 203 -4.23 -20.05 19.59
CA TRP A 203 -4.61 -20.73 18.36
C TRP A 203 -5.04 -22.16 18.64
N LEU A 204 -4.26 -22.88 19.46
CA LEU A 204 -4.60 -24.23 19.86
C LEU A 204 -5.96 -24.28 20.57
N GLY A 205 -6.22 -23.25 21.38
CA GLY A 205 -7.51 -23.08 22.04
C GLY A 205 -8.64 -23.07 21.03
N LEU A 206 -8.55 -22.13 20.09
CA LEU A 206 -9.45 -22.05 18.94
C LEU A 206 -9.65 -23.39 18.24
N GLN A 207 -8.55 -24.06 17.92
CA GLN A 207 -8.59 -25.36 17.26
C GLN A 207 -9.45 -26.36 18.02
N MET A 208 -9.22 -26.46 19.33
CA MET A 208 -9.95 -27.39 20.19
C MET A 208 -11.45 -27.10 20.20
N LEU A 209 -11.81 -25.83 20.34
CA LEU A 209 -13.20 -25.39 20.32
C LEU A 209 -13.91 -25.68 18.99
N GLU A 210 -13.13 -25.69 17.91
CA GLU A 210 -13.66 -25.94 16.57
C GLU A 210 -13.91 -27.44 16.31
N GLY A 211 -13.25 -28.31 17.07
CA GLY A 211 -13.44 -29.74 16.95
C GLY A 211 -12.21 -30.50 16.49
N ASP A 212 -11.13 -29.78 16.25
CA ASP A 212 -9.84 -30.38 15.92
C ASP A 212 -9.38 -31.32 17.05
N ILE A 213 -9.37 -32.61 16.74
CA ILE A 213 -9.02 -33.65 17.71
C ILE A 213 -7.50 -33.72 17.95
N TYR A 214 -6.73 -33.81 16.86
CA TYR A 214 -5.27 -33.95 16.94
C TYR A 214 -4.59 -32.81 17.69
N SER A 215 -5.24 -31.64 17.68
CA SER A 215 -4.72 -30.44 18.33
C SER A 215 -4.56 -30.56 19.86
N ARG A 216 -5.27 -31.52 20.46
CA ARG A 216 -5.25 -31.71 21.91
C ARG A 216 -3.90 -32.19 22.47
N ALA A 217 -3.15 -32.95 21.68
CA ALA A 217 -1.84 -33.48 22.08
C ALA A 217 -0.83 -32.40 22.47
N TYR A 218 -1.00 -31.20 21.92
CA TYR A 218 -0.10 -30.08 22.19
C TYR A 218 -0.64 -29.17 23.30
N ALA A 219 -1.91 -29.34 23.63
CA ALA A 219 -2.56 -28.48 24.62
C ALA A 219 -2.33 -28.95 26.06
N GLY A 220 -1.50 -29.97 26.23
CA GLY A 220 -1.16 -30.48 27.55
C GLY A 220 -2.35 -31.18 28.18
N GLU A 221 -2.86 -30.59 29.26
CA GLU A 221 -3.99 -31.17 29.99
C GLU A 221 -5.23 -30.26 29.98
N ALA A 222 -5.21 -29.26 29.09
CA ALA A 222 -6.31 -28.30 28.96
C ALA A 222 -7.60 -28.89 28.36
N SER A 223 -7.48 -30.07 27.74
CA SER A 223 -8.61 -30.76 27.10
C SER A 223 -9.77 -31.08 28.05
N GLN A 224 -9.46 -31.17 29.34
CA GLN A 224 -10.48 -31.43 30.35
C GLN A 224 -11.54 -30.31 30.40
N HIS A 225 -11.10 -29.10 30.10
CA HIS A 225 -11.95 -27.91 30.22
C HIS A 225 -12.75 -27.62 28.96
N LEU A 226 -12.50 -28.39 27.90
CA LEU A 226 -13.09 -28.14 26.58
C LEU A 226 -14.61 -28.24 26.54
N ASP A 227 -15.15 -29.33 27.07
CA ASP A 227 -16.59 -29.60 26.99
C ASP A 227 -17.44 -28.58 27.74
N ALA A 228 -16.91 -28.06 28.84
CA ALA A 228 -17.60 -27.02 29.62
C ALA A 228 -17.47 -25.66 28.95
N ALA A 229 -16.36 -25.45 28.24
CA ALA A 229 -16.15 -24.21 27.49
C ALA A 229 -17.17 -24.08 26.36
N LEU A 230 -17.42 -25.18 25.65
CA LEU A 230 -18.41 -25.19 24.58
C LEU A 230 -19.85 -25.07 25.11
N ALA A 231 -20.09 -25.67 26.28
CA ALA A 231 -21.38 -25.53 26.97
C ALA A 231 -21.69 -24.07 27.29
N ARG A 232 -20.66 -23.35 27.75
CA ARG A 232 -20.78 -21.93 28.04
C ARG A 232 -21.03 -21.13 26.77
N LEU A 233 -20.29 -21.45 25.72
CA LEU A 233 -20.43 -20.79 24.42
C LEU A 233 -21.78 -21.02 23.76
N ARG A 234 -22.39 -22.17 24.02
CA ARG A 234 -23.74 -22.46 23.53
C ARG A 234 -24.83 -21.58 24.16
N ASN A 235 -24.49 -20.86 25.22
CA ASN A 235 -25.42 -19.91 25.82
C ASN A 235 -25.38 -18.55 25.15
N GLU A 236 -24.32 -18.29 24.40
CA GLU A 236 -24.11 -16.97 23.77
C GLU A 236 -23.99 -16.99 22.24
N MET A 237 -23.97 -18.19 21.65
CA MET A 237 -24.07 -18.35 20.20
C MET A 237 -24.65 -19.70 19.80
N ASP A 238 -25.21 -19.75 18.59
CA ASP A 238 -25.90 -20.95 18.12
C ASP A 238 -25.02 -22.20 18.03
N ASP A 239 -23.82 -22.05 17.45
CA ASP A 239 -22.85 -23.13 17.35
C ASP A 239 -21.44 -22.55 17.36
N PRO A 240 -20.71 -22.76 18.46
CA PRO A 240 -19.37 -22.17 18.63
C PRO A 240 -18.41 -22.53 17.49
N ALA A 241 -18.39 -23.79 17.07
CA ALA A 241 -17.51 -24.25 16.00
C ALA A 241 -17.82 -23.53 14.68
N LEU A 242 -19.11 -23.39 14.38
CA LEU A 242 -19.58 -22.67 13.21
C LEU A 242 -19.08 -21.23 13.17
N HIS A 243 -19.09 -20.55 14.31
CA HIS A 243 -18.62 -19.16 14.41
C HIS A 243 -17.12 -19.02 14.17
N ILE A 244 -16.35 -20.01 14.65
CA ILE A 244 -14.91 -20.06 14.38
C ILE A 244 -14.63 -20.17 12.88
N ALA A 245 -15.27 -21.17 12.25
CA ALA A 245 -15.12 -21.41 10.83
C ALA A 245 -15.58 -20.21 10.00
N ASP A 246 -16.68 -19.59 10.44
CA ASP A 246 -17.23 -18.40 9.80
C ASP A 246 -16.24 -17.24 9.78
N ALA A 247 -15.61 -16.97 10.91
CA ALA A 247 -14.68 -15.86 11.06
C ALA A 247 -13.45 -16.07 10.18
N ARG A 248 -12.97 -17.31 10.17
CA ARG A 248 -11.84 -17.71 9.33
C ARG A 248 -12.11 -17.54 7.84
N TYR A 249 -13.27 -18.02 7.37
CA TYR A 249 -13.63 -17.86 5.97
C TYR A 249 -13.77 -16.38 5.60
N GLN A 250 -14.36 -15.60 6.51
CA GLN A 250 -14.54 -14.17 6.31
C GLN A 250 -13.20 -13.46 6.08
N CYS A 251 -12.15 -13.94 6.76
CA CYS A 251 -10.81 -13.38 6.63
C CYS A 251 -10.23 -13.69 5.26
N ILE A 252 -10.32 -14.95 4.85
CA ILE A 252 -9.87 -15.39 3.53
C ILE A 252 -10.60 -14.64 2.42
N ALA A 253 -11.93 -14.64 2.50
CA ALA A 253 -12.77 -14.01 1.49
C ALA A 253 -12.54 -12.52 1.37
N ALA A 254 -12.38 -11.84 2.50
CA ALA A 254 -12.17 -10.39 2.52
C ALA A 254 -10.84 -10.02 1.88
N ILE A 255 -9.83 -10.87 2.08
CA ILE A 255 -8.54 -10.70 1.44
C ILE A 255 -8.66 -10.82 -0.09
N CYS A 256 -9.17 -11.96 -0.55
CA CYS A 256 -9.41 -12.21 -1.99
C CYS A 256 -10.23 -11.11 -2.65
N ASP A 257 -11.21 -10.59 -1.91
CA ASP A 257 -12.10 -9.55 -2.39
C ASP A 257 -11.35 -8.27 -2.75
N VAL A 258 -10.39 -7.88 -1.91
CA VAL A 258 -9.63 -6.65 -2.11
C VAL A 258 -8.43 -6.89 -3.01
N VAL A 259 -7.78 -8.03 -2.77
CA VAL A 259 -6.48 -8.33 -3.35
C VAL A 259 -6.52 -8.89 -4.79
N SER A 260 -7.57 -9.65 -5.11
CA SER A 260 -7.62 -10.36 -6.39
C SER A 260 -8.88 -10.12 -7.20
N ASN A 261 -8.78 -9.24 -8.20
CA ASN A 261 -9.90 -8.94 -9.10
C ASN A 261 -9.53 -9.03 -10.57
N LYS B 2 -24.43 -4.44 20.18
CA LYS B 2 -24.22 -2.97 20.08
C LYS B 2 -24.86 -2.45 18.80
N LYS B 3 -25.67 -1.39 18.92
CA LYS B 3 -26.43 -0.88 17.79
C LYS B 3 -25.66 0.15 16.98
N LEU B 4 -25.51 -0.11 15.68
CA LEU B 4 -24.92 0.85 14.74
C LEU B 4 -25.96 1.28 13.70
N THR B 5 -25.90 2.55 13.31
CA THR B 5 -26.75 3.02 12.23
C THR B 5 -25.91 3.50 11.06
N ILE B 6 -26.06 2.82 9.93
CA ILE B 6 -25.30 3.14 8.72
C ILE B 6 -26.23 3.65 7.63
N GLY B 7 -25.84 4.75 7.00
CA GLY B 7 -26.55 5.29 5.84
C GLY B 7 -25.83 4.95 4.56
N LEU B 8 -26.58 4.49 3.56
CA LEU B 8 -26.05 4.28 2.22
C LEU B 8 -26.18 5.55 1.40
N ILE B 9 -25.05 6.14 1.02
CA ILE B 9 -25.05 7.31 0.16
C ILE B 9 -24.25 7.07 -1.13
N GLY B 10 -24.84 7.47 -2.26
CA GLY B 10 -24.17 7.36 -3.54
C GLY B 10 -24.87 8.15 -4.63
N ASN B 11 -24.21 8.27 -5.78
CA ASN B 11 -24.81 8.83 -6.98
C ASN B 11 -26.09 8.08 -7.37
N PRO B 12 -26.97 8.71 -8.17
CA PRO B 12 -28.07 7.94 -8.74
C PRO B 12 -27.56 6.74 -9.55
N ASN B 13 -28.26 5.62 -9.46
CA ASN B 13 -27.92 4.40 -10.21
C ASN B 13 -26.50 3.84 -9.98
N SER B 14 -26.09 3.78 -8.73
CA SER B 14 -24.81 3.18 -8.37
C SER B 14 -24.98 1.78 -7.77
N GLY B 15 -26.22 1.47 -7.37
CA GLY B 15 -26.56 0.13 -6.87
C GLY B 15 -26.90 0.09 -5.39
N LYS B 16 -27.30 1.24 -4.83
CA LYS B 16 -27.61 1.36 -3.40
C LYS B 16 -28.64 0.33 -2.94
N THR B 17 -29.79 0.32 -3.60
CA THR B 17 -30.92 -0.53 -3.22
C THR B 17 -30.56 -2.01 -3.35
N THR B 18 -29.84 -2.35 -4.43
CA THR B 18 -29.33 -3.69 -4.64
C THR B 18 -28.49 -4.17 -3.45
N LEU B 19 -27.55 -3.34 -3.01
CA LEU B 19 -26.73 -3.65 -1.84
C LEU B 19 -27.56 -3.66 -0.55
N PHE B 20 -28.50 -2.73 -0.47
CA PHE B 20 -29.45 -2.66 0.64
C PHE B 20 -30.22 -3.97 0.76
N ASN B 21 -30.72 -4.46 -0.37
CA ASN B 21 -31.49 -5.70 -0.43
C ASN B 21 -30.65 -6.93 -0.12
N GLN B 22 -29.38 -6.90 -0.55
CA GLN B 22 -28.44 -7.98 -0.30
C GLN B 22 -28.08 -8.08 1.18
N LEU B 23 -27.95 -6.92 1.83
CA LEU B 23 -27.59 -6.88 3.24
C LEU B 23 -28.75 -7.21 4.17
N THR B 24 -29.94 -6.70 3.84
CA THR B 24 -31.10 -6.77 4.74
C THR B 24 -32.11 -7.87 4.41
N GLY B 25 -32.22 -8.23 3.14
CA GLY B 25 -33.17 -9.26 2.70
C GLY B 25 -34.61 -8.78 2.77
N SER B 26 -35.40 -9.41 3.62
CA SER B 26 -36.79 -8.99 3.85
C SER B 26 -36.96 -8.22 5.17
N ARG B 27 -35.87 -8.10 5.92
CA ARG B 27 -35.84 -7.35 7.18
C ARG B 27 -35.79 -5.84 6.91
N GLN B 28 -36.76 -5.36 6.13
CA GLN B 28 -36.78 -3.97 5.67
C GLN B 28 -38.20 -3.42 5.61
N ARG B 29 -38.33 -2.13 5.92
CA ARG B 29 -39.64 -1.45 5.87
C ARG B 29 -39.53 -0.10 5.17
N VAL B 30 -40.64 0.37 4.60
CA VAL B 30 -40.71 1.64 3.89
C VAL B 30 -41.81 2.52 4.47
N ARG B 40 -38.75 6.96 2.95
CA ARG B 40 -37.53 6.41 3.52
C ARG B 40 -37.60 4.88 3.64
N LYS B 41 -36.44 4.23 3.47
CA LYS B 41 -36.34 2.77 3.50
C LYS B 41 -35.27 2.33 4.50
N GLU B 42 -35.71 1.79 5.63
CA GLU B 42 -34.78 1.30 6.65
C GLU B 42 -34.75 -0.23 6.72
N GLY B 43 -33.58 -0.78 7.06
CA GLY B 43 -33.39 -2.22 7.14
C GLY B 43 -32.57 -2.65 8.34
N GLN B 44 -32.55 -3.97 8.56
CA GLN B 44 -31.83 -4.57 9.70
C GLN B 44 -30.96 -5.74 9.24
N PHE B 45 -29.71 -5.73 9.68
CA PHE B 45 -28.81 -6.88 9.51
C PHE B 45 -27.75 -6.89 10.59
N SER B 46 -27.30 -8.08 10.97
CA SER B 46 -26.30 -8.20 12.03
C SER B 46 -24.92 -8.55 11.50
N THR B 47 -23.91 -8.16 12.27
CA THR B 47 -22.52 -8.48 11.99
C THR B 47 -21.96 -9.22 13.23
N THR B 48 -20.65 -9.46 13.27
CA THR B 48 -20.04 -10.22 14.37
C THR B 48 -20.17 -9.50 15.73
N ASP B 49 -20.08 -8.18 15.69
CA ASP B 49 -20.06 -7.37 16.91
C ASP B 49 -21.27 -6.47 17.09
N HIS B 50 -21.98 -6.18 16.00
CA HIS B 50 -23.03 -5.18 16.02
C HIS B 50 -24.35 -5.64 15.41
N GLN B 51 -25.42 -5.01 15.87
CA GLN B 51 -26.71 -5.06 15.18
C GLN B 51 -26.85 -3.75 14.42
N VAL B 52 -26.95 -3.85 13.10
CA VAL B 52 -26.88 -2.67 12.24
C VAL B 52 -28.23 -2.28 11.68
N THR B 53 -28.54 -0.99 11.79
CA THR B 53 -29.67 -0.39 11.10
C THR B 53 -29.15 0.34 9.86
N LEU B 54 -29.59 -0.12 8.70
CA LEU B 54 -29.17 0.46 7.43
C LEU B 54 -30.25 1.36 6.85
N VAL B 55 -29.86 2.57 6.45
CA VAL B 55 -30.79 3.54 5.86
C VAL B 55 -30.40 3.75 4.40
N ASP B 56 -31.36 3.54 3.50
CA ASP B 56 -31.14 3.74 2.07
C ASP B 56 -31.55 5.16 1.65
N LEU B 57 -30.57 6.06 1.61
CA LEU B 57 -30.79 7.44 1.18
C LEU B 57 -31.03 7.56 -0.33
N PRO B 58 -31.68 8.65 -0.77
CA PRO B 58 -31.86 8.88 -2.21
C PRO B 58 -30.53 9.15 -2.93
N GLY B 59 -30.49 8.85 -4.22
CA GLY B 59 -29.31 9.12 -5.05
C GLY B 59 -29.10 10.60 -5.25
N THR B 60 -27.85 11.03 -5.08
CA THR B 60 -27.46 12.43 -5.27
C THR B 60 -26.03 12.54 -5.79
N TYR B 61 -25.79 13.49 -6.68
CA TYR B 61 -24.46 13.73 -7.25
C TYR B 61 -23.57 14.56 -6.33
N SER B 62 -24.19 15.38 -5.48
CA SER B 62 -23.45 16.29 -4.61
C SER B 62 -24.24 16.67 -3.35
N LEU B 63 -23.54 17.25 -2.39
CA LEU B 63 -24.17 17.84 -1.21
C LEU B 63 -24.12 19.37 -1.27
N THR B 64 -23.58 19.89 -2.37
CA THR B 64 -23.35 21.34 -2.50
C THR B 64 -24.62 22.14 -2.76
N SER B 71 -32.61 19.91 -6.69
CA SER B 71 -33.84 19.28 -6.20
C SER B 71 -33.72 18.86 -4.73
N LEU B 72 -34.77 18.19 -4.24
CA LEU B 72 -34.86 17.79 -2.83
C LEU B 72 -33.79 16.77 -2.41
N ASP B 73 -33.52 15.80 -3.29
CA ASP B 73 -32.61 14.69 -3.01
C ASP B 73 -31.21 15.10 -2.55
N GLU B 74 -30.76 16.28 -2.99
CA GLU B 74 -29.49 16.85 -2.51
C GLU B 74 -29.60 17.24 -1.03
N GLN B 75 -30.72 17.86 -0.67
CA GLN B 75 -30.98 18.30 0.70
C GLN B 75 -31.27 17.13 1.63
N ILE B 76 -32.07 16.18 1.16
CA ILE B 76 -32.48 15.00 1.94
C ILE B 76 -31.25 14.27 2.49
N ALA B 77 -30.31 13.94 1.61
CA ALA B 77 -29.07 13.28 2.01
C ALA B 77 -28.22 14.20 2.89
N CYS B 78 -28.03 15.43 2.44
CA CYS B 78 -27.18 16.41 3.13
C CYS B 78 -27.64 16.73 4.55
N HIS B 79 -28.94 16.96 4.73
CA HIS B 79 -29.51 17.22 6.05
C HIS B 79 -29.36 15.99 6.94
N TYR B 80 -29.51 14.81 6.34
CA TYR B 80 -29.32 13.56 7.05
C TYR B 80 -27.87 13.41 7.53
N ILE B 81 -26.92 13.71 6.64
CA ILE B 81 -25.49 13.55 6.95
C ILE B 81 -25.06 14.46 8.12
N LEU B 82 -25.56 15.70 8.11
CA LEU B 82 -25.20 16.67 9.15
C LEU B 82 -25.95 16.48 10.47
N SER B 83 -27.05 15.72 10.43
CA SER B 83 -27.84 15.46 11.63
C SER B 83 -27.11 14.57 12.65
N GLY B 84 -26.14 13.79 12.15
CA GLY B 84 -25.36 12.90 13.00
C GLY B 84 -26.10 11.66 13.45
N ASP B 85 -27.20 11.34 12.76
CA ASP B 85 -27.96 10.12 13.01
C ASP B 85 -27.06 8.90 12.77
N ALA B 86 -26.34 8.93 11.65
CA ALA B 86 -25.47 7.83 11.25
C ALA B 86 -24.12 7.86 11.97
N ASP B 87 -23.70 6.71 12.45
CA ASP B 87 -22.37 6.56 13.06
C ASP B 87 -21.30 6.47 11.98
N LEU B 88 -21.68 5.90 10.84
CA LEU B 88 -20.82 5.84 9.67
C LEU B 88 -21.64 5.70 8.38
N LEU B 89 -20.99 5.93 7.24
CA LEU B 89 -21.64 5.81 5.95
C LEU B 89 -20.95 4.78 5.06
N ILE B 90 -21.75 4.03 4.32
CA ILE B 90 -21.23 3.22 3.23
C ILE B 90 -21.46 4.02 1.95
N ASN B 91 -20.36 4.42 1.32
CA ASN B 91 -20.44 5.19 0.09
C ASN B 91 -20.33 4.27 -1.11
N VAL B 92 -21.47 3.98 -1.73
CA VAL B 92 -21.50 3.12 -2.91
C VAL B 92 -21.06 3.91 -4.13
N VAL B 93 -19.98 3.44 -4.75
CA VAL B 93 -19.38 4.16 -5.86
C VAL B 93 -19.35 3.27 -7.10
N ASP B 94 -19.85 3.81 -8.21
CA ASP B 94 -19.80 3.16 -9.51
C ASP B 94 -18.34 3.13 -10.00
N ALA B 95 -17.81 1.93 -10.16
CA ALA B 95 -16.42 1.75 -10.59
C ALA B 95 -16.20 2.13 -12.06
N SER B 96 -17.27 2.05 -12.86
CA SER B 96 -17.20 2.34 -14.28
C SER B 96 -17.26 3.84 -14.62
N ASN B 97 -17.52 4.65 -13.60
CA ASN B 97 -17.52 6.11 -13.74
C ASN B 97 -16.87 6.75 -12.50
N LEU B 98 -15.66 6.29 -12.19
CA LEU B 98 -14.99 6.66 -10.94
C LEU B 98 -14.89 8.17 -10.70
N GLU B 99 -14.45 8.90 -11.72
CA GLU B 99 -14.26 10.35 -11.62
C GLU B 99 -15.54 11.12 -11.25
N ARG B 100 -16.67 10.73 -11.87
CA ARG B 100 -17.97 11.34 -11.58
C ARG B 100 -18.43 11.04 -10.16
N ASN B 101 -18.21 9.81 -9.70
CA ASN B 101 -18.68 9.35 -8.39
C ASN B 101 -17.85 9.88 -7.22
N LEU B 102 -16.61 10.31 -7.49
CA LEU B 102 -15.69 10.70 -6.42
C LEU B 102 -15.92 12.10 -5.87
N TYR B 103 -16.67 12.92 -6.60
CA TYR B 103 -17.00 14.28 -6.13
C TYR B 103 -17.75 14.22 -4.81
N LEU B 104 -18.78 13.38 -4.77
CA LEU B 104 -19.53 13.09 -3.54
C LEU B 104 -18.63 12.50 -2.46
N THR B 105 -17.77 11.56 -2.85
CA THR B 105 -16.82 10.91 -1.94
C THR B 105 -15.94 11.96 -1.26
N LEU B 106 -15.37 12.83 -2.07
CA LEU B 106 -14.50 13.91 -1.60
C LEU B 106 -15.20 14.79 -0.57
N GLN B 107 -16.49 15.03 -0.79
CA GLN B 107 -17.30 15.86 0.09
C GLN B 107 -17.54 15.22 1.45
N LEU B 108 -17.86 13.94 1.45
CA LEU B 108 -18.11 13.20 2.70
C LEU B 108 -16.85 13.13 3.54
N LEU B 109 -15.72 12.92 2.86
CA LEU B 109 -14.43 12.80 3.54
C LEU B 109 -13.93 14.16 4.05
N GLU B 110 -14.30 15.21 3.34
CA GLU B 110 -14.03 16.58 3.80
C GLU B 110 -14.86 16.92 5.02
N LEU B 111 -16.06 16.33 5.10
CA LEU B 111 -16.93 16.48 6.27
C LEU B 111 -16.42 15.76 7.51
N GLY B 112 -15.65 14.69 7.30
CA GLY B 112 -15.05 13.95 8.41
C GLY B 112 -15.88 12.81 8.92
N ILE B 113 -17.05 12.58 8.30
CA ILE B 113 -17.93 11.46 8.64
C ILE B 113 -17.22 10.14 8.30
N PRO B 114 -17.14 9.21 9.28
CA PRO B 114 -16.52 7.90 9.06
C PRO B 114 -17.13 7.23 7.82
N CYS B 115 -16.28 6.90 6.84
CA CYS B 115 -16.76 6.37 5.58
CA CYS B 115 -16.74 6.38 5.56
C CYS B 115 -16.12 5.05 5.19
N ILE B 116 -16.91 4.21 4.54
CA ILE B 116 -16.40 3.01 3.87
C ILE B 116 -16.87 3.09 2.43
N VAL B 117 -15.93 3.30 1.50
CA VAL B 117 -16.26 3.29 0.08
C VAL B 117 -16.44 1.85 -0.38
N ALA B 118 -17.57 1.59 -1.02
CA ALA B 118 -17.85 0.29 -1.59
C ALA B 118 -17.90 0.39 -3.12
N LEU B 119 -16.93 -0.24 -3.77
CA LEU B 119 -16.87 -0.25 -5.23
C LEU B 119 -17.87 -1.25 -5.81
N ASN B 120 -18.86 -0.72 -6.50
CA ASN B 120 -19.87 -1.54 -7.15
C ASN B 120 -19.71 -1.47 -8.67
N MET B 121 -20.50 -2.28 -9.38
CA MET B 121 -20.52 -2.30 -10.85
C MET B 121 -19.22 -2.83 -11.44
N LEU B 122 -18.59 -3.77 -10.74
CA LEU B 122 -17.32 -4.38 -11.16
C LEU B 122 -17.42 -5.03 -12.55
N ASP B 123 -18.59 -5.56 -12.86
CA ASP B 123 -18.85 -6.20 -14.15
C ASP B 123 -18.79 -5.20 -15.31
N ILE B 124 -19.37 -4.02 -15.14
CA ILE B 124 -19.36 -2.98 -16.18
C ILE B 124 -17.95 -2.45 -16.40
N ALA B 125 -17.25 -2.17 -15.31
CA ALA B 125 -15.87 -1.69 -15.37
C ALA B 125 -14.95 -2.71 -16.03
N GLU B 126 -15.28 -3.99 -15.88
CA GLU B 126 -14.56 -5.08 -16.54
C GLU B 126 -14.78 -5.03 -18.05
N LYS B 127 -16.03 -4.84 -18.47
CA LYS B 127 -16.42 -4.78 -19.88
C LYS B 127 -15.58 -3.77 -20.68
N GLN B 128 -15.31 -2.61 -20.07
CA GLN B 128 -14.55 -1.56 -20.73
C GLN B 128 -13.12 -1.43 -20.22
N ASN B 129 -12.57 -2.57 -19.78
CA ASN B 129 -11.17 -2.68 -19.36
C ASN B 129 -10.66 -1.61 -18.40
N ILE B 130 -11.44 -1.36 -17.34
CA ILE B 130 -11.04 -0.41 -16.31
C ILE B 130 -10.41 -1.16 -15.12
N ARG B 131 -9.19 -0.77 -14.78
CA ARG B 131 -8.47 -1.36 -13.66
C ARG B 131 -8.22 -0.30 -12.58
N ILE B 132 -8.57 -0.61 -11.35
CA ILE B 132 -8.39 0.30 -10.22
C ILE B 132 -7.52 -0.36 -9.15
N GLU B 133 -6.46 0.33 -8.73
CA GLU B 133 -5.61 -0.14 -7.65
C GLU B 133 -6.22 0.24 -6.31
N ILE B 134 -6.92 -0.72 -5.70
CA ILE B 134 -7.77 -0.49 -4.52
C ILE B 134 -7.04 0.14 -3.32
N ASP B 135 -5.89 -0.40 -2.95
CA ASP B 135 -5.12 0.12 -1.82
C ASP B 135 -4.57 1.53 -2.04
N ALA B 136 -4.23 1.85 -3.28
CA ALA B 136 -3.77 3.18 -3.63
C ALA B 136 -4.88 4.20 -3.45
N LEU B 137 -6.11 3.80 -3.78
CA LEU B 137 -7.29 4.62 -3.60
C LEU B 137 -7.58 4.82 -2.11
N SER B 138 -7.55 3.72 -1.36
CA SER B 138 -7.79 3.72 0.07
C SER B 138 -6.85 4.70 0.76
N ALA B 139 -5.56 4.62 0.42
CA ALA B 139 -4.55 5.46 1.03
C ALA B 139 -4.82 6.94 0.80
N ARG B 140 -5.18 7.31 -0.42
CA ARG B 140 -5.45 8.69 -0.77
C ARG B 140 -6.82 9.20 -0.28
N LEU B 141 -7.72 8.29 0.06
CA LEU B 141 -9.02 8.65 0.62
C LEU B 141 -8.99 8.72 2.16
N GLY B 142 -8.19 7.84 2.75
CA GLY B 142 -8.07 7.76 4.20
C GLY B 142 -9.11 6.84 4.82
N CYS B 143 -9.79 6.06 3.97
CA CYS B 143 -10.83 5.15 4.41
C CYS B 143 -10.75 3.85 3.60
N PRO B 144 -11.34 2.77 4.13
CA PRO B 144 -11.31 1.49 3.40
C PRO B 144 -12.05 1.54 2.07
N VAL B 145 -11.51 0.84 1.08
CA VAL B 145 -12.18 0.69 -0.22
C VAL B 145 -12.47 -0.79 -0.41
N ILE B 146 -13.76 -1.12 -0.54
CA ILE B 146 -14.24 -2.50 -0.55
C ILE B 146 -14.96 -2.82 -1.86
N PRO B 147 -14.35 -3.67 -2.71
CA PRO B 147 -15.04 -4.09 -3.94
C PRO B 147 -16.23 -4.99 -3.62
N LEU B 148 -17.32 -4.81 -4.34
CA LEU B 148 -18.51 -5.65 -4.15
C LEU B 148 -18.54 -6.84 -5.10
N VAL B 149 -17.64 -7.79 -4.86
CA VAL B 149 -17.60 -9.05 -5.61
C VAL B 149 -18.74 -9.95 -5.13
N SER B 150 -19.51 -10.49 -6.07
CA SER B 150 -20.63 -11.37 -5.74
C SER B 150 -20.23 -12.84 -5.58
N THR B 151 -19.15 -13.25 -6.25
CA THR B 151 -18.68 -14.65 -6.16
C THR B 151 -18.31 -15.04 -4.73
N ARG B 152 -18.92 -16.12 -4.25
CA ARG B 152 -18.61 -16.72 -2.94
C ARG B 152 -18.85 -15.76 -1.76
N GLY B 153 -19.71 -14.77 -1.97
CA GLY B 153 -20.07 -13.79 -0.95
C GLY B 153 -18.91 -12.95 -0.45
N ARG B 154 -17.96 -12.67 -1.34
CA ARG B 154 -16.74 -11.95 -0.98
C ARG B 154 -16.98 -10.48 -0.62
N GLY B 155 -17.82 -9.80 -1.40
CA GLY B 155 -18.17 -8.40 -1.16
C GLY B 155 -18.79 -8.18 0.21
N ILE B 156 -19.95 -8.80 0.44
CA ILE B 156 -20.64 -8.74 1.73
C ILE B 156 -19.71 -9.13 2.88
N GLU B 157 -18.96 -10.21 2.68
CA GLU B 157 -17.98 -10.69 3.63
C GLU B 157 -17.01 -9.58 4.05
N ALA B 158 -16.42 -8.92 3.05
CA ALA B 158 -15.42 -7.86 3.28
C ALA B 158 -16.03 -6.60 3.88
N LEU B 159 -17.27 -6.30 3.48
CA LEU B 159 -18.00 -5.14 3.94
C LEU B 159 -18.27 -5.27 5.44
N LYS B 160 -18.75 -6.44 5.84
CA LYS B 160 -19.07 -6.75 7.23
C LYS B 160 -17.85 -6.66 8.14
N LEU B 161 -16.72 -7.17 7.67
CA LEU B 161 -15.45 -7.06 8.39
C LEU B 161 -15.06 -5.60 8.60
N ALA B 162 -15.18 -4.79 7.54
CA ALA B 162 -14.85 -3.37 7.61
C ALA B 162 -15.76 -2.61 8.59
N ILE B 163 -17.01 -3.04 8.70
CA ILE B 163 -17.97 -2.44 9.64
C ILE B 163 -17.56 -2.71 11.09
N ASP B 164 -17.12 -3.92 11.38
CA ASP B 164 -16.64 -4.30 12.71
C ASP B 164 -15.31 -3.64 13.08
N ARG B 165 -14.55 -3.24 12.07
CA ARG B 165 -13.24 -2.63 12.29
C ARG B 165 -13.27 -1.12 12.09
N TYR B 166 -14.45 -0.57 11.88
CA TYR B 166 -14.58 0.84 11.57
C TYR B 166 -13.97 1.72 12.67
N LYS B 167 -13.20 2.70 12.22
CA LYS B 167 -12.64 3.73 13.08
C LYS B 167 -12.79 5.06 12.35
N ALA B 168 -12.27 6.13 12.94
CA ALA B 168 -12.23 7.44 12.27
C ALA B 168 -11.40 7.34 11.00
N ASN B 169 -11.79 8.11 9.99
CA ASN B 169 -11.02 8.21 8.75
C ASN B 169 -9.61 8.71 9.02
N GLU B 170 -8.65 8.23 8.24
CA GLU B 170 -7.26 8.67 8.40
C GLU B 170 -7.13 10.15 8.02
N ASN B 171 -6.32 10.87 8.79
CA ASN B 171 -6.21 12.33 8.65
C ASN B 171 -5.29 12.78 7.51
N VAL B 172 -5.47 12.16 6.34
CA VAL B 172 -4.71 12.50 5.14
C VAL B 172 -5.32 13.73 4.45
N GLU B 173 -4.47 14.64 3.99
CA GLU B 173 -4.94 15.83 3.29
C GLU B 173 -5.50 15.44 1.92
N LEU B 174 -6.70 15.92 1.64
CA LEU B 174 -7.43 15.56 0.43
C LEU B 174 -7.24 16.62 -0.65
N VAL B 175 -7.97 17.72 -0.54
CA VAL B 175 -7.86 18.82 -1.49
C VAL B 175 -6.80 19.80 -1.05
N HIS B 176 -6.08 20.34 -2.01
CA HIS B 176 -5.09 21.37 -1.74
C HIS B 176 -5.64 22.72 -2.19
N TYR B 177 -6.17 23.48 -1.24
CA TYR B 177 -6.71 24.81 -1.52
C TYR B 177 -5.62 25.85 -1.36
N ALA B 178 -5.76 26.95 -2.10
CA ALA B 178 -4.91 28.13 -1.94
C ALA B 178 -5.08 28.69 -0.54
N GLN B 179 -4.01 29.25 0.01
CA GLN B 179 -3.99 29.71 1.41
C GLN B 179 -5.12 30.68 1.78
N PRO B 180 -5.33 31.77 1.00
CA PRO B 180 -6.44 32.69 1.31
C PRO B 180 -7.81 32.02 1.40
N LEU B 181 -8.03 30.94 0.64
CA LEU B 181 -9.27 30.16 0.73
C LEU B 181 -9.37 29.44 2.07
N LEU B 182 -8.25 28.89 2.53
CA LEU B 182 -8.21 28.20 3.82
C LEU B 182 -8.40 29.18 4.97
N ASN B 183 -7.68 30.30 4.92
CA ASN B 183 -7.78 31.36 5.93
C ASN B 183 -9.21 31.91 6.06
N GLU B 184 -9.87 32.08 4.92
CA GLU B 184 -11.21 32.65 4.88
C GLU B 184 -12.29 31.71 5.38
N ALA B 185 -12.22 30.45 4.95
CA ALA B 185 -13.14 29.42 5.42
C ALA B 185 -12.90 29.11 6.89
N ASP B 186 -11.66 29.32 7.33
CA ASP B 186 -11.29 29.10 8.72
C ASP B 186 -11.94 30.15 9.64
N SER B 187 -11.83 31.42 9.27
CA SER B 187 -12.40 32.51 10.06
C SER B 187 -13.92 32.41 10.17
N LEU B 188 -14.58 32.08 9.05
CA LEU B 188 -16.02 31.85 9.03
C LEU B 188 -16.45 30.73 9.97
N ALA B 189 -15.61 29.70 10.06
CA ALA B 189 -15.86 28.54 10.92
C ALA B 189 -15.77 28.88 12.39
N LYS B 190 -14.88 29.83 12.72
CA LYS B 190 -14.69 30.29 14.10
C LYS B 190 -15.87 31.11 14.61
N VAL B 191 -16.86 31.31 13.74
CA VAL B 191 -18.00 32.19 14.02
C VAL B 191 -19.33 31.43 14.11
N MET B 192 -19.36 30.23 13.51
CA MET B 192 -20.57 29.41 13.44
C MET B 192 -20.96 28.81 14.81
N PRO B 193 -22.21 28.30 14.93
CA PRO B 193 -22.69 27.71 16.19
C PRO B 193 -21.70 26.71 16.81
N SER B 194 -21.51 26.82 18.12
CA SER B 194 -20.55 26.00 18.85
C SER B 194 -21.07 24.60 19.18
N ASP B 195 -22.23 24.24 18.64
CA ASP B 195 -22.79 22.89 18.80
C ASP B 195 -22.45 21.99 17.60
N ILE B 196 -21.70 22.54 16.66
CA ILE B 196 -21.25 21.81 15.47
C ILE B 196 -19.73 21.63 15.56
N PRO B 197 -19.23 20.40 15.29
CA PRO B 197 -17.80 20.12 15.28
C PRO B 197 -17.01 21.04 14.34
N LEU B 198 -15.73 21.24 14.67
CA LEU B 198 -14.85 22.16 13.94
C LEU B 198 -14.65 21.79 12.48
N LYS B 199 -14.39 20.50 12.21
CA LYS B 199 -14.15 20.03 10.84
C LYS B 199 -15.36 20.26 9.93
N GLN B 200 -16.55 20.07 10.50
CA GLN B 200 -17.81 20.36 9.79
C GLN B 200 -18.00 21.86 9.58
N ARG B 201 -17.57 22.65 10.57
CA ARG B 201 -17.68 24.11 10.50
C ARG B 201 -16.76 24.69 9.42
N ARG B 202 -15.57 24.12 9.29
CA ARG B 202 -14.64 24.52 8.24
C ARG B 202 -15.19 24.23 6.84
N TRP B 203 -15.77 23.05 6.68
CA TRP B 203 -16.37 22.63 5.41
C TRP B 203 -17.56 23.52 5.02
N LEU B 204 -18.36 23.90 6.01
CA LEU B 204 -19.49 24.81 5.78
C LEU B 204 -19.02 26.15 5.25
N GLY B 205 -17.91 26.65 5.80
CA GLY B 205 -17.32 27.92 5.37
C GLY B 205 -16.79 27.87 3.94
N LEU B 206 -16.24 26.71 3.59
CA LEU B 206 -15.74 26.45 2.24
C LEU B 206 -16.89 26.47 1.23
N GLN B 207 -18.01 25.86 1.61
CA GLN B 207 -19.20 25.78 0.77
C GLN B 207 -19.83 27.14 0.50
N MET B 208 -19.79 28.01 1.50
CA MET B 208 -20.37 29.36 1.43
C MET B 208 -19.65 30.24 0.41
N LEU B 209 -18.33 30.15 0.40
CA LEU B 209 -17.50 30.92 -0.52
C LEU B 209 -17.69 30.44 -1.97
N GLU B 210 -18.15 29.20 -2.11
CA GLU B 210 -18.52 28.64 -3.40
C GLU B 210 -19.89 29.18 -3.83
N GLY B 211 -20.76 29.42 -2.84
CA GLY B 211 -22.09 29.97 -3.08
C GLY B 211 -23.23 29.01 -2.82
N ASP B 212 -23.10 28.19 -1.78
CA ASP B 212 -24.13 27.21 -1.42
C ASP B 212 -25.19 27.81 -0.51
N ILE B 213 -26.46 27.61 -0.88
CA ILE B 213 -27.61 28.12 -0.14
C ILE B 213 -27.87 27.38 1.17
N TYR B 214 -27.78 26.05 1.12
CA TYR B 214 -28.06 25.18 2.27
C TYR B 214 -27.09 25.41 3.43
N SER B 215 -25.89 25.87 3.11
CA SER B 215 -24.84 26.09 4.10
C SER B 215 -25.11 27.32 4.96
N ARG B 216 -25.50 28.42 4.31
CA ARG B 216 -25.76 29.68 5.00
C ARG B 216 -26.82 29.58 6.09
N ALA B 217 -27.79 28.69 5.88
CA ALA B 217 -28.83 28.40 6.87
C ALA B 217 -28.23 27.73 8.11
N TYR B 218 -27.35 26.75 7.90
CA TYR B 218 -26.62 26.10 8.98
C TYR B 218 -25.62 27.03 9.64
N ALA B 219 -25.08 27.96 8.85
CA ALA B 219 -24.00 28.85 9.27
C ALA B 219 -24.43 29.90 10.29
N GLY B 220 -25.70 30.32 10.22
CA GLY B 220 -26.24 31.32 11.15
C GLY B 220 -25.61 32.70 10.98
N GLU B 221 -24.92 33.16 12.02
CA GLU B 221 -24.32 34.50 12.05
C GLU B 221 -23.08 34.62 11.15
N ALA B 222 -22.62 33.50 10.62
CA ALA B 222 -21.46 33.49 9.72
C ALA B 222 -21.78 34.12 8.37
N SER B 223 -23.05 34.07 7.97
CA SER B 223 -23.48 34.61 6.68
C SER B 223 -23.39 36.13 6.62
N GLN B 224 -23.26 36.76 7.79
CA GLN B 224 -23.09 38.21 7.91
C GLN B 224 -21.69 38.64 7.45
N HIS B 225 -20.75 37.71 7.49
CA HIS B 225 -19.36 37.96 7.12
C HIS B 225 -19.05 37.61 5.68
N LEU B 226 -19.94 36.83 5.05
CA LEU B 226 -19.71 36.28 3.70
C LEU B 226 -19.34 37.34 2.66
N ASP B 227 -20.09 38.45 2.63
CA ASP B 227 -19.87 39.53 1.67
C ASP B 227 -18.52 40.20 1.90
N ALA B 228 -18.16 40.39 3.17
CA ALA B 228 -16.84 40.91 3.55
C ALA B 228 -15.74 39.90 3.20
N ALA B 229 -16.02 38.63 3.41
CA ALA B 229 -15.09 37.54 3.12
C ALA B 229 -14.78 37.41 1.63
N LEU B 230 -15.82 37.46 0.81
CA LEU B 230 -15.67 37.38 -0.65
C LEU B 230 -14.93 38.60 -1.20
N ALA B 231 -15.28 39.78 -0.70
CA ALA B 231 -14.61 41.02 -1.09
C ALA B 231 -13.13 40.97 -0.73
N ARG B 232 -12.84 40.59 0.50
CA ARG B 232 -11.46 40.43 0.98
C ARG B 232 -10.68 39.44 0.12
N LEU B 233 -11.34 38.37 -0.30
CA LEU B 233 -10.76 37.37 -1.21
C LEU B 233 -10.55 37.91 -2.63
N ARG B 234 -11.44 38.81 -3.05
CA ARG B 234 -11.46 39.33 -4.42
C ARG B 234 -10.23 40.17 -4.80
N ASN B 235 -9.43 40.52 -3.80
CA ASN B 235 -8.19 41.26 -4.01
C ASN B 235 -7.08 40.37 -4.58
N GLU B 236 -6.91 39.19 -3.99
CA GLU B 236 -5.88 38.24 -4.39
C GLU B 236 -6.29 37.40 -5.60
N MET B 237 -7.49 36.84 -5.56
CA MET B 237 -8.01 36.02 -6.67
C MET B 237 -9.29 36.60 -7.28
N ASP B 238 -9.45 36.39 -8.58
CA ASP B 238 -10.55 36.97 -9.35
C ASP B 238 -11.89 36.30 -9.07
N ASP B 239 -11.88 34.98 -8.90
CA ASP B 239 -13.10 34.21 -8.64
C ASP B 239 -12.82 33.07 -7.66
N PRO B 240 -13.30 33.21 -6.40
CA PRO B 240 -13.07 32.21 -5.34
C PRO B 240 -13.82 30.90 -5.58
N ALA B 241 -15.09 30.99 -5.96
CA ALA B 241 -15.95 29.83 -6.19
C ALA B 241 -15.33 28.85 -7.21
N LEU B 242 -14.80 29.41 -8.30
CA LEU B 242 -14.19 28.63 -9.36
C LEU B 242 -12.92 27.94 -8.88
N HIS B 243 -12.14 28.68 -8.08
CA HIS B 243 -10.90 28.17 -7.50
C HIS B 243 -11.11 26.99 -6.55
N ILE B 244 -12.25 27.00 -5.85
CA ILE B 244 -12.62 25.90 -4.96
C ILE B 244 -12.98 24.66 -5.79
N ALA B 245 -13.81 24.85 -6.82
CA ALA B 245 -14.22 23.76 -7.69
C ALA B 245 -13.06 23.17 -8.47
N ASP B 246 -12.17 24.04 -8.95
CA ASP B 246 -10.98 23.62 -9.71
C ASP B 246 -10.02 22.77 -8.89
N ALA B 247 -9.79 23.18 -7.64
CA ALA B 247 -8.91 22.46 -6.73
C ALA B 247 -9.50 21.08 -6.41
N ARG B 248 -10.83 21.02 -6.34
CA ARG B 248 -11.55 19.77 -6.11
C ARG B 248 -11.47 18.84 -7.32
N TYR B 249 -11.62 19.42 -8.51
CA TYR B 249 -11.43 18.68 -9.77
C TYR B 249 -9.97 18.23 -9.92
N GLN B 250 -9.04 19.10 -9.55
CA GLN B 250 -7.61 18.79 -9.55
C GLN B 250 -7.35 17.52 -8.74
N CYS B 251 -7.82 17.55 -7.49
CA CYS B 251 -7.64 16.44 -6.56
C CYS B 251 -8.24 15.14 -7.08
N ILE B 252 -9.42 15.23 -7.69
CA ILE B 252 -10.12 14.06 -8.21
C ILE B 252 -9.43 13.48 -9.45
N ALA B 253 -9.01 14.36 -10.36
CA ALA B 253 -8.26 13.94 -11.55
C ALA B 253 -6.89 13.38 -11.15
N ALA B 254 -6.29 13.95 -10.12
CA ALA B 254 -4.99 13.50 -9.60
C ALA B 254 -5.10 12.09 -9.01
N ILE B 255 -6.17 11.83 -8.27
CA ILE B 255 -6.40 10.52 -7.69
C ILE B 255 -6.65 9.48 -8.79
N CYS B 256 -7.50 9.82 -9.76
CA CYS B 256 -7.84 8.92 -10.86
C CYS B 256 -6.65 8.44 -11.70
N ASP B 257 -5.66 9.31 -11.86
CA ASP B 257 -4.48 9.01 -12.68
C ASP B 257 -3.49 8.08 -11.98
N VAL B 258 -3.36 8.21 -10.67
CA VAL B 258 -2.45 7.38 -9.89
C VAL B 258 -3.11 6.03 -9.59
N VAL B 259 -4.44 6.01 -9.59
CA VAL B 259 -5.23 4.87 -9.12
C VAL B 259 -5.76 3.98 -10.26
N SER B 260 -5.89 4.57 -11.45
CA SER B 260 -6.36 3.85 -12.63
C SER B 260 -5.68 4.33 -13.90
N LYS C 2 6.49 31.27 -2.66
CA LYS C 2 7.89 30.78 -2.62
C LYS C 2 8.36 30.34 -4.00
N LYS C 3 9.62 30.64 -4.32
CA LYS C 3 10.23 30.23 -5.58
C LYS C 3 11.01 28.93 -5.42
N LEU C 4 10.90 28.04 -6.40
CA LEU C 4 11.63 26.78 -6.41
C LEU C 4 12.23 26.46 -7.77
N THR C 5 13.42 25.89 -7.76
CA THR C 5 14.09 25.43 -8.99
C THR C 5 13.99 23.91 -9.07
N ILE C 6 13.41 23.42 -10.16
CA ILE C 6 13.24 22.00 -10.39
C ILE C 6 13.96 21.56 -11.66
N GLY C 7 14.79 20.52 -11.54
CA GLY C 7 15.52 19.98 -12.67
C GLY C 7 14.91 18.70 -13.21
N LEU C 8 14.84 18.61 -14.54
CA LEU C 8 14.35 17.41 -15.21
C LEU C 8 15.50 16.47 -15.53
N ILE C 9 15.50 15.32 -14.86
CA ILE C 9 16.55 14.31 -15.04
C ILE C 9 15.96 12.97 -15.45
N GLY C 10 16.69 12.24 -16.30
CA GLY C 10 16.25 10.93 -16.78
C GLY C 10 17.10 10.44 -17.94
N ASN C 11 16.81 9.21 -18.38
CA ASN C 11 17.49 8.61 -19.52
C ASN C 11 17.24 9.37 -20.83
N PRO C 12 18.11 9.18 -21.84
CA PRO C 12 17.86 9.73 -23.17
C PRO C 12 16.57 9.18 -23.78
N ASN C 13 15.77 10.08 -24.36
CA ASN C 13 14.48 9.76 -24.97
C ASN C 13 13.46 9.15 -23.99
N SER C 14 13.09 9.92 -22.98
CA SER C 14 12.13 9.49 -21.97
C SER C 14 10.81 10.26 -22.06
N GLY C 15 10.84 11.41 -22.73
CA GLY C 15 9.72 12.34 -22.74
C GLY C 15 10.04 13.53 -21.85
N LYS C 16 11.33 13.66 -21.52
CA LYS C 16 11.83 14.68 -20.62
C LYS C 16 11.61 16.10 -21.15
N THR C 17 11.91 16.31 -22.42
CA THR C 17 11.69 17.61 -23.07
C THR C 17 10.19 17.82 -23.35
N THR C 18 9.49 16.74 -23.64
CA THR C 18 8.04 16.77 -23.90
C THR C 18 7.27 17.27 -22.67
N LEU C 19 7.68 16.82 -21.48
CA LEU C 19 7.07 17.26 -20.23
C LEU C 19 7.35 18.74 -19.97
N PHE C 20 8.55 19.18 -20.38
CA PHE C 20 8.96 20.58 -20.26
C PHE C 20 8.07 21.50 -21.12
N ASN C 21 7.59 20.97 -22.24
CA ASN C 21 6.75 21.72 -23.16
C ASN C 21 5.33 21.94 -22.65
N GLN C 22 4.80 20.98 -21.91
CA GLN C 22 3.44 21.05 -21.39
C GLN C 22 3.34 21.79 -20.06
N LEU C 23 4.33 21.59 -19.19
CA LEU C 23 4.34 22.24 -17.88
C LEU C 23 4.53 23.75 -17.98
N THR C 24 5.31 24.20 -18.97
CA THR C 24 5.62 25.62 -19.14
C THR C 24 4.67 26.33 -20.10
N GLY C 25 4.39 25.69 -21.24
CA GLY C 25 3.54 26.27 -22.27
C GLY C 25 4.33 26.68 -23.49
N SER C 26 5.21 25.79 -23.94
CA SER C 26 6.07 26.04 -25.10
C SER C 26 6.18 24.78 -25.96
N ARG C 27 7.03 24.85 -26.99
CA ARG C 27 7.24 23.72 -27.90
C ARG C 27 8.68 23.74 -28.43
N GLN C 28 9.39 22.63 -28.22
CA GLN C 28 10.78 22.50 -28.65
C GLN C 28 11.03 21.18 -29.37
N ARG C 29 12.11 21.13 -30.15
CA ARG C 29 12.48 19.94 -30.92
C ARG C 29 12.76 18.73 -30.02
N VAL C 30 11.86 17.76 -30.08
CA VAL C 30 11.95 16.55 -29.24
C VAL C 30 12.54 15.36 -30.00
N ARG C 40 20.36 22.73 -22.39
CA ARG C 40 19.76 23.13 -21.13
C ARG C 40 18.93 24.40 -21.31
N LYS C 41 17.61 24.26 -21.21
CA LYS C 41 16.69 25.38 -21.32
C LYS C 41 15.85 25.53 -20.05
N GLU C 42 15.60 26.78 -19.68
CA GLU C 42 14.81 27.09 -18.48
C GLU C 42 13.39 27.52 -18.84
N GLY C 43 12.44 27.18 -17.97
CA GLY C 43 11.04 27.52 -18.16
C GLY C 43 10.38 28.07 -16.90
N GLN C 44 9.14 28.53 -17.06
CA GLN C 44 8.39 29.13 -15.97
C GLN C 44 6.93 28.66 -15.93
N PHE C 45 6.54 28.08 -14.79
CA PHE C 45 5.13 27.79 -14.52
C PHE C 45 4.81 27.97 -13.04
N SER C 46 3.53 28.22 -12.75
CA SER C 46 3.09 28.48 -11.38
C SER C 46 2.11 27.42 -10.89
N THR C 47 2.49 26.73 -9.83
CA THR C 47 1.60 25.80 -9.13
C THR C 47 0.81 26.56 -8.06
N THR C 48 -0.10 25.87 -7.38
CA THR C 48 -1.03 26.49 -6.42
C THR C 48 -0.33 27.35 -5.35
N ASP C 49 0.85 26.91 -4.89
CA ASP C 49 1.56 27.61 -3.82
C ASP C 49 2.92 28.18 -4.23
N HIS C 50 3.44 27.76 -5.37
CA HIS C 50 4.79 28.16 -5.78
C HIS C 50 4.87 28.67 -7.22
N GLN C 51 5.80 29.60 -7.45
CA GLN C 51 6.28 29.92 -8.78
C GLN C 51 7.51 29.06 -9.02
N VAL C 52 7.48 28.29 -10.12
CA VAL C 52 8.49 27.27 -10.34
C VAL C 52 9.35 27.55 -11.58
N THR C 53 10.66 27.52 -11.37
CA THR C 53 11.64 27.58 -12.46
C THR C 53 12.00 26.15 -12.85
N LEU C 54 11.67 25.76 -14.08
CA LEU C 54 11.91 24.40 -14.54
C LEU C 54 13.13 24.31 -15.46
N VAL C 55 14.10 23.51 -15.04
CA VAL C 55 15.36 23.33 -15.77
C VAL C 55 15.39 21.96 -16.47
N ASP C 56 15.33 21.99 -17.80
CA ASP C 56 15.44 20.78 -18.60
C ASP C 56 16.91 20.44 -18.86
N LEU C 57 17.28 19.20 -18.56
CA LEU C 57 18.65 18.72 -18.75
C LEU C 57 18.67 17.61 -19.80
N PRO C 58 19.84 17.39 -20.45
CA PRO C 58 19.95 16.33 -21.45
C PRO C 58 19.98 14.94 -20.82
N GLY C 59 19.52 13.94 -21.58
CA GLY C 59 19.43 12.55 -21.12
C GLY C 59 20.76 11.96 -20.66
N THR C 60 20.69 11.16 -19.59
CA THR C 60 21.86 10.50 -19.01
C THR C 60 21.47 9.16 -18.37
N TYR C 61 22.31 8.15 -18.56
CA TYR C 61 22.06 6.81 -18.00
C TYR C 61 22.62 6.65 -16.60
N SER C 62 23.67 7.42 -16.29
CA SER C 62 24.37 7.29 -15.01
C SER C 62 24.96 8.62 -14.55
N LEU C 63 26.06 8.56 -13.80
CA LEU C 63 26.75 9.74 -13.29
C LEU C 63 28.24 9.46 -13.03
N GLU C 74 26.06 13.79 -21.53
CA GLU C 74 26.03 13.07 -20.25
C GLU C 74 26.67 13.89 -19.14
N GLN C 75 27.81 14.51 -19.44
CA GLN C 75 28.51 15.38 -18.49
C GLN C 75 27.78 16.70 -18.29
N ILE C 76 26.82 16.98 -19.18
CA ILE C 76 26.03 18.20 -19.16
C ILE C 76 25.05 18.21 -17.98
N ALA C 77 24.24 17.15 -17.88
CA ALA C 77 23.28 16.99 -16.80
C ALA C 77 23.96 16.60 -15.48
N CYS C 78 25.12 15.95 -15.59
CA CYS C 78 25.89 15.47 -14.45
C CYS C 78 26.29 16.59 -13.47
N HIS C 79 26.70 17.74 -14.00
CA HIS C 79 27.13 18.87 -13.18
C HIS C 79 25.97 19.59 -12.49
N TYR C 80 24.88 19.79 -13.23
CA TYR C 80 23.70 20.51 -12.73
C TYR C 80 23.16 19.90 -11.44
N ILE C 81 23.28 18.58 -11.31
CA ILE C 81 22.80 17.86 -10.13
C ILE C 81 23.72 18.08 -8.93
N LEU C 82 24.98 17.65 -9.06
CA LEU C 82 25.95 17.76 -7.96
C LEU C 82 26.50 19.18 -7.85
N SER C 83 25.61 20.13 -7.57
CA SER C 83 25.98 21.54 -7.43
C SER C 83 25.16 22.21 -6.32
N GLY C 84 23.84 22.26 -6.49
CA GLY C 84 22.94 22.82 -5.49
C GLY C 84 22.13 24.01 -5.96
N ASP C 85 21.69 23.98 -7.22
CA ASP C 85 20.82 25.01 -7.77
C ASP C 85 19.34 24.62 -7.61
N ALA C 86 19.06 23.34 -7.82
CA ALA C 86 17.69 22.82 -7.71
C ALA C 86 17.36 22.38 -6.28
N ASP C 87 16.09 22.56 -5.90
CA ASP C 87 15.59 22.11 -4.60
C ASP C 87 15.02 20.72 -4.70
N LEU C 88 14.50 20.37 -5.88
CA LEU C 88 13.82 19.10 -6.12
C LEU C 88 13.96 18.70 -7.58
N LEU C 89 13.99 17.39 -7.83
CA LEU C 89 14.10 16.87 -9.19
C LEU C 89 12.85 16.11 -9.62
N ILE C 90 12.55 16.16 -10.91
CA ILE C 90 11.52 15.30 -11.49
C ILE C 90 12.23 14.23 -12.32
N ASN C 91 12.37 13.05 -11.73
CA ASN C 91 13.08 11.94 -12.37
C ASN C 91 12.18 11.22 -13.39
N VAL C 92 12.35 11.58 -14.66
CA VAL C 92 11.52 11.02 -15.74
C VAL C 92 11.96 9.60 -16.07
N VAL C 93 11.01 8.67 -15.96
CA VAL C 93 11.28 7.24 -16.13
C VAL C 93 10.34 6.64 -17.17
N ASP C 94 10.91 5.93 -18.15
CA ASP C 94 10.13 5.19 -19.13
C ASP C 94 9.59 3.90 -18.52
N ALA C 95 8.28 3.72 -18.60
CA ALA C 95 7.60 2.56 -18.03
C ALA C 95 7.81 1.27 -18.82
N SER C 96 8.02 1.41 -20.13
CA SER C 96 8.25 0.26 -21.02
C SER C 96 9.64 -0.35 -20.80
N ASN C 97 10.57 0.46 -20.31
CA ASN C 97 11.91 -0.01 -19.99
C ASN C 97 12.30 0.37 -18.56
N LEU C 98 11.51 -0.11 -17.61
CA LEU C 98 11.66 0.23 -16.20
C LEU C 98 12.98 -0.23 -15.59
N GLU C 99 13.37 -1.49 -15.85
CA GLU C 99 14.59 -2.06 -15.30
C GLU C 99 15.83 -1.25 -15.72
N ARG C 100 15.87 -0.83 -16.97
CA ARG C 100 16.98 -0.02 -17.50
C ARG C 100 17.03 1.37 -16.86
N ASN C 101 15.86 1.98 -16.73
CA ASN C 101 15.73 3.36 -16.24
C ASN C 101 16.06 3.55 -14.75
N LEU C 102 15.88 2.50 -13.96
CA LEU C 102 15.95 2.61 -12.50
C LEU C 102 17.36 2.79 -11.92
N TYR C 103 18.38 2.47 -12.71
CA TYR C 103 19.77 2.63 -12.26
C TYR C 103 20.06 4.08 -11.84
N LEU C 104 19.57 5.03 -12.63
CA LEU C 104 19.69 6.45 -12.31
C LEU C 104 18.77 6.84 -11.15
N THR C 105 17.56 6.30 -11.14
CA THR C 105 16.61 6.52 -10.06
C THR C 105 17.23 6.14 -8.71
N LEU C 106 17.85 4.97 -8.67
CA LEU C 106 18.53 4.46 -7.49
C LEU C 106 19.67 5.37 -7.03
N GLN C 107 20.40 5.92 -8.00
CA GLN C 107 21.53 6.83 -7.71
C GLN C 107 21.10 8.09 -6.98
N LEU C 108 20.05 8.73 -7.50
CA LEU C 108 19.52 9.97 -6.92
C LEU C 108 19.00 9.77 -5.50
N LEU C 109 18.44 8.59 -5.25
CA LEU C 109 17.85 8.27 -3.96
C LEU C 109 18.88 7.80 -2.94
N GLU C 110 19.93 7.12 -3.41
CA GLU C 110 21.07 6.76 -2.57
C GLU C 110 21.86 8.00 -2.15
N LEU C 111 21.90 8.98 -3.04
CA LEU C 111 22.47 10.30 -2.74
C LEU C 111 21.53 11.11 -1.85
N GLY C 112 20.26 10.72 -1.82
CA GLY C 112 19.27 11.36 -0.96
C GLY C 112 18.82 12.70 -1.48
N ILE C 113 18.84 12.86 -2.80
CA ILE C 113 18.36 14.08 -3.44
C ILE C 113 16.83 14.01 -3.49
N PRO C 114 16.14 15.08 -3.01
CA PRO C 114 14.69 15.12 -3.08
C PRO C 114 14.25 15.01 -4.54
N CYS C 115 13.45 13.99 -4.85
CA CYS C 115 12.96 13.82 -6.21
C CYS C 115 11.56 13.19 -6.30
N ILE C 116 10.86 13.52 -7.37
CA ILE C 116 9.56 12.95 -7.68
C ILE C 116 9.69 12.17 -8.99
N VAL C 117 9.59 10.84 -8.87
CA VAL C 117 9.65 9.97 -10.04
C VAL C 117 8.41 10.19 -10.89
N ALA C 118 8.63 10.50 -12.16
CA ALA C 118 7.54 10.66 -13.11
C ALA C 118 7.56 9.54 -14.14
N LEU C 119 6.67 8.56 -13.94
CA LEU C 119 6.50 7.49 -14.92
C LEU C 119 5.86 8.03 -16.17
N ASN C 120 6.58 7.89 -17.29
CA ASN C 120 6.09 8.37 -18.57
C ASN C 120 5.95 7.22 -19.57
N MET C 121 5.44 7.53 -20.76
CA MET C 121 5.31 6.57 -21.86
C MET C 121 4.49 5.33 -21.47
N LEU C 122 3.44 5.56 -20.68
CA LEU C 122 2.59 4.48 -20.18
C LEU C 122 1.75 3.84 -21.27
N ASP C 123 1.47 4.61 -22.32
CA ASP C 123 0.75 4.10 -23.50
C ASP C 123 1.60 3.10 -24.28
N ILE C 124 2.91 3.27 -24.24
CA ILE C 124 3.86 2.35 -24.87
C ILE C 124 3.98 1.05 -24.06
N ALA C 125 4.07 1.20 -22.74
CA ALA C 125 4.15 0.06 -21.83
C ALA C 125 2.87 -0.78 -21.85
N GLU C 126 1.73 -0.11 -21.96
CA GLU C 126 0.43 -0.79 -22.06
C GLU C 126 0.29 -1.52 -23.40
N LYS C 127 0.90 -0.97 -24.44
CA LYS C 127 0.93 -1.60 -25.77
C LYS C 127 1.80 -2.85 -25.76
N GLN C 128 2.92 -2.80 -25.02
CA GLN C 128 3.79 -3.96 -24.82
C GLN C 128 3.23 -4.89 -23.74
N ASN C 129 2.13 -4.45 -23.12
CA ASN C 129 1.41 -5.19 -22.07
C ASN C 129 2.19 -5.35 -20.76
N ILE C 130 2.54 -4.22 -20.14
CA ILE C 130 3.27 -4.19 -18.88
C ILE C 130 2.46 -3.41 -17.82
N ARG C 131 2.20 -4.06 -16.69
CA ARG C 131 1.44 -3.45 -15.60
C ARG C 131 2.35 -3.08 -14.43
N ILE C 132 2.12 -1.91 -13.83
CA ILE C 132 2.93 -1.42 -12.70
C ILE C 132 2.05 -1.08 -11.50
N GLU C 133 2.38 -1.65 -10.33
CA GLU C 133 1.80 -1.21 -9.08
C GLU C 133 2.51 0.05 -8.61
N ILE C 134 1.93 1.22 -8.89
CA ILE C 134 2.57 2.51 -8.64
C ILE C 134 2.92 2.75 -7.17
N ASP C 135 2.02 2.41 -6.26
CA ASP C 135 2.28 2.60 -4.83
C ASP C 135 3.28 1.61 -4.23
N ALA C 136 3.43 0.46 -4.86
CA ALA C 136 4.41 -0.54 -4.43
C ALA C 136 5.82 -0.12 -4.82
N LEU C 137 5.95 0.52 -5.98
CA LEU C 137 7.19 1.13 -6.40
C LEU C 137 7.54 2.30 -5.49
N SER C 138 6.57 3.19 -5.29
CA SER C 138 6.71 4.36 -4.43
C SER C 138 7.13 4.03 -3.00
N ALA C 139 6.60 2.93 -2.46
CA ALA C 139 6.97 2.47 -1.11
C ALA C 139 8.42 2.01 -1.06
N ARG C 140 8.85 1.29 -2.10
CA ARG C 140 10.22 0.79 -2.19
C ARG C 140 11.24 1.90 -2.46
N LEU C 141 10.90 2.85 -3.33
CA LEU C 141 11.78 3.97 -3.63
C LEU C 141 11.81 4.98 -2.49
N GLY C 142 10.67 5.16 -1.83
CA GLY C 142 10.55 6.10 -0.72
C GLY C 142 10.27 7.53 -1.19
N CYS C 143 9.71 7.65 -2.39
CA CYS C 143 9.38 8.94 -2.97
C CYS C 143 8.13 8.85 -3.86
N PRO C 144 7.48 9.99 -4.16
CA PRO C 144 6.27 9.97 -4.98
C PRO C 144 6.52 9.43 -6.39
N VAL C 145 5.59 8.61 -6.87
CA VAL C 145 5.62 8.11 -8.24
C VAL C 145 4.36 8.59 -8.96
N ILE C 146 4.56 9.34 -10.05
CA ILE C 146 3.45 9.94 -10.79
C ILE C 146 3.38 9.44 -12.23
N PRO C 147 2.30 8.73 -12.59
CA PRO C 147 2.05 8.30 -13.98
C PRO C 147 1.66 9.49 -14.84
N LEU C 148 2.13 9.53 -16.08
CA LEU C 148 1.92 10.70 -16.93
C LEU C 148 1.20 10.45 -18.25
N VAL C 149 1.93 9.87 -19.22
CA VAL C 149 1.58 9.95 -20.65
C VAL C 149 1.58 11.30 -21.39
N SER C 150 2.77 11.91 -21.47
CA SER C 150 2.90 13.26 -22.03
C SER C 150 2.20 13.67 -23.32
N THR C 151 2.39 12.89 -24.38
CA THR C 151 1.78 13.18 -25.69
C THR C 151 0.26 13.40 -25.54
N ARG C 152 -0.42 12.42 -24.95
CA ARG C 152 -1.83 12.58 -24.58
C ARG C 152 -1.89 13.03 -23.12
N GLY C 153 -1.60 14.32 -22.90
CA GLY C 153 -1.45 14.93 -21.57
C GLY C 153 -2.44 14.48 -20.51
N ARG C 154 -1.92 13.81 -19.47
CA ARG C 154 -2.75 13.25 -18.42
C ARG C 154 -2.29 13.62 -17.01
N GLY C 155 -1.11 13.13 -16.63
CA GLY C 155 -0.62 13.26 -15.26
C GLY C 155 -0.13 14.63 -14.81
N ILE C 156 -0.49 15.68 -15.57
CA ILE C 156 -0.07 17.04 -15.25
C ILE C 156 -0.70 17.56 -13.95
N GLU C 157 -1.95 17.16 -13.70
CA GLU C 157 -2.66 17.54 -12.47
C GLU C 157 -2.04 16.91 -11.23
N ALA C 158 -1.73 15.63 -11.33
CA ALA C 158 -1.15 14.88 -10.21
C ALA C 158 0.28 15.28 -9.91
N LEU C 159 1.01 15.72 -10.93
CA LEU C 159 2.41 16.15 -10.78
C LEU C 159 2.50 17.50 -10.06
N LYS C 160 1.69 18.47 -10.49
CA LYS C 160 1.65 19.79 -9.85
C LYS C 160 1.26 19.69 -8.38
N LEU C 161 0.35 18.76 -8.07
CA LEU C 161 -0.09 18.51 -6.70
C LEU C 161 1.02 17.86 -5.86
N ALA C 162 1.83 17.02 -6.51
CA ALA C 162 2.96 16.37 -5.84
C ALA C 162 4.06 17.38 -5.49
N ILE C 163 4.24 18.37 -6.36
CA ILE C 163 5.21 19.44 -6.12
C ILE C 163 4.81 20.28 -4.89
N ASP C 164 3.54 20.65 -4.81
CA ASP C 164 3.03 21.41 -3.66
C ASP C 164 3.16 20.64 -2.35
N ARG C 165 3.07 19.32 -2.45
CA ARG C 165 3.18 18.45 -1.28
C ARG C 165 4.60 17.89 -1.10
N TYR C 166 5.56 18.52 -1.76
CA TYR C 166 6.97 18.14 -1.66
C TYR C 166 7.46 18.09 -0.22
N LYS C 167 8.39 17.18 0.04
CA LYS C 167 9.04 17.02 1.33
C LYS C 167 10.24 16.09 1.17
N ALA C 168 10.89 15.76 2.28
CA ALA C 168 12.03 14.86 2.27
C ALA C 168 11.60 13.47 1.82
N ASN C 169 12.50 12.76 1.13
CA ASN C 169 12.28 11.35 0.77
C ASN C 169 12.21 10.50 2.04
N GLU C 170 11.61 9.32 1.92
CA GLU C 170 11.52 8.41 3.05
C GLU C 170 12.84 7.68 3.28
N ASN C 171 13.25 7.60 4.55
CA ASN C 171 14.52 7.02 4.95
C ASN C 171 14.58 5.49 4.79
N VAL C 172 13.93 4.99 3.74
CA VAL C 172 13.86 3.55 3.47
C VAL C 172 15.16 3.00 2.87
N GLU C 173 15.57 1.82 3.34
CA GLU C 173 16.76 1.13 2.80
C GLU C 173 16.50 0.66 1.38
N LEU C 174 17.39 1.05 0.48
CA LEU C 174 17.27 0.70 -0.94
C LEU C 174 18.11 -0.53 -1.28
N VAL C 175 19.42 -0.34 -1.39
CA VAL C 175 20.33 -1.41 -1.74
C VAL C 175 20.84 -2.09 -0.48
N HIS C 176 20.91 -3.42 -0.51
CA HIS C 176 21.41 -4.20 0.59
C HIS C 176 22.84 -4.66 0.32
N TYR C 177 23.80 -3.89 0.83
CA TYR C 177 25.21 -4.21 0.67
C TYR C 177 25.66 -5.12 1.79
N ALA C 178 26.69 -5.93 1.51
CA ALA C 178 27.32 -6.76 2.51
C ALA C 178 27.90 -5.89 3.63
N GLN C 179 27.76 -6.35 4.87
CA GLN C 179 28.19 -5.57 6.05
C GLN C 179 29.62 -5.01 5.97
N PRO C 180 30.61 -5.83 5.55
CA PRO C 180 31.98 -5.31 5.45
C PRO C 180 32.13 -4.12 4.49
N LEU C 181 31.33 -4.10 3.42
CA LEU C 181 31.34 -2.99 2.47
C LEU C 181 30.84 -1.71 3.14
N LEU C 182 29.85 -1.85 4.01
CA LEU C 182 29.29 -0.72 4.75
C LEU C 182 30.29 -0.14 5.75
N ASN C 183 30.98 -1.03 6.46
CA ASN C 183 32.02 -0.65 7.41
C ASN C 183 33.12 0.18 6.76
N GLU C 184 33.58 -0.27 5.59
CA GLU C 184 34.60 0.44 4.82
C GLU C 184 34.12 1.81 4.34
N ALA C 185 32.92 1.84 3.76
CA ALA C 185 32.33 3.08 3.27
C ALA C 185 32.10 4.08 4.40
N ASP C 186 31.80 3.56 5.59
CA ASP C 186 31.59 4.39 6.78
C ASP C 186 32.89 5.08 7.19
N SER C 187 33.94 4.28 7.42
CA SER C 187 35.24 4.78 7.88
C SER C 187 35.87 5.79 6.92
N LEU C 188 35.65 5.60 5.62
CA LEU C 188 36.10 6.54 4.60
C LEU C 188 35.36 7.87 4.71
N ALA C 189 34.07 7.80 5.01
CA ALA C 189 33.21 8.97 5.10
C ALA C 189 33.50 9.84 6.34
N LYS C 190 33.94 9.20 7.42
CA LYS C 190 34.22 9.90 8.67
C LYS C 190 35.41 10.86 8.56
N VAL C 191 36.32 10.58 7.63
CA VAL C 191 37.50 11.40 7.39
C VAL C 191 37.29 12.35 6.19
N MET C 192 36.20 12.13 5.44
CA MET C 192 35.83 12.97 4.31
C MET C 192 35.47 14.41 4.73
N PRO C 193 35.46 15.37 3.77
CA PRO C 193 35.12 16.77 4.04
C PRO C 193 33.83 16.94 4.86
N SER C 194 33.86 17.87 5.80
CA SER C 194 32.74 18.09 6.72
C SER C 194 31.53 18.72 6.05
N ASP C 195 31.77 19.57 5.06
CA ASP C 195 30.72 20.36 4.40
C ASP C 195 29.62 19.53 3.72
N ILE C 196 29.94 18.30 3.34
CA ILE C 196 28.99 17.43 2.64
C ILE C 196 28.27 16.47 3.61
N PRO C 197 26.94 16.31 3.43
CA PRO C 197 26.11 15.50 4.33
C PRO C 197 26.47 14.01 4.33
N LEU C 198 26.24 13.35 5.45
CA LEU C 198 26.63 11.95 5.65
C LEU C 198 26.19 11.02 4.52
N LYS C 199 24.94 11.18 4.08
CA LYS C 199 24.37 10.33 3.03
C LYS C 199 25.07 10.51 1.69
N GLN C 200 25.59 11.71 1.44
CA GLN C 200 26.39 11.97 0.23
C GLN C 200 27.81 11.41 0.37
N ARG C 201 28.35 11.47 1.60
CA ARG C 201 29.69 10.98 1.88
C ARG C 201 29.77 9.45 1.85
N ARG C 202 28.78 8.79 2.44
CA ARG C 202 28.70 7.33 2.47
C ARG C 202 28.58 6.73 1.06
N TRP C 203 27.92 7.45 0.17
CA TRP C 203 27.79 7.02 -1.22
C TRP C 203 29.13 7.13 -1.95
N LEU C 204 29.88 8.21 -1.69
CA LEU C 204 31.15 8.46 -2.35
C LEU C 204 32.21 7.44 -1.98
N GLY C 205 32.33 7.15 -0.68
CA GLY C 205 33.25 6.12 -0.19
C GLY C 205 32.93 4.76 -0.77
N LEU C 206 31.65 4.56 -1.09
CA LEU C 206 31.17 3.32 -1.68
C LEU C 206 31.41 3.28 -3.19
N GLN C 207 31.53 4.46 -3.79
CA GLN C 207 31.90 4.57 -5.21
C GLN C 207 33.40 4.40 -5.39
N MET C 208 34.16 4.79 -4.36
CA MET C 208 35.61 4.64 -4.34
C MET C 208 36.03 3.17 -4.30
N LEU C 209 35.33 2.38 -3.50
CA LEU C 209 35.63 0.96 -3.33
C LEU C 209 35.26 0.15 -4.58
N GLU C 210 34.29 0.65 -5.34
CA GLU C 210 33.93 0.07 -6.64
C GLU C 210 34.93 0.51 -7.70
N GLY C 211 35.60 1.64 -7.45
CA GLY C 211 36.62 2.17 -8.34
C GLY C 211 36.10 3.24 -9.28
N ASP C 212 35.44 4.26 -8.72
CA ASP C 212 34.94 5.39 -9.50
C ASP C 212 36.07 6.38 -9.76
N ILE C 213 36.31 6.67 -11.03
CA ILE C 213 37.42 7.51 -11.48
C ILE C 213 37.27 8.95 -10.99
N TYR C 214 36.17 9.59 -11.35
CA TYR C 214 35.92 10.99 -11.02
C TYR C 214 35.33 11.19 -9.61
N SER C 215 35.92 10.51 -8.63
CA SER C 215 35.45 10.57 -7.24
C SER C 215 36.43 11.25 -6.28
N ARG C 216 37.73 11.03 -6.50
CA ARG C 216 38.80 11.55 -5.64
C ARG C 216 38.82 13.09 -5.51
N ALA C 217 38.07 13.76 -6.38
CA ALA C 217 37.95 15.22 -6.37
C ALA C 217 37.20 15.73 -5.15
N TYR C 218 36.38 14.87 -4.55
CA TYR C 218 35.57 15.21 -3.38
C TYR C 218 35.97 14.41 -2.15
N ALA C 219 36.78 13.37 -2.36
CA ALA C 219 37.22 12.47 -1.30
C ALA C 219 38.05 13.20 -0.25
N GLY C 220 38.91 14.11 -0.71
CA GLY C 220 39.78 14.89 0.16
C GLY C 220 40.77 14.03 0.92
N GLU C 221 40.47 13.75 2.18
CA GLU C 221 41.37 13.02 3.07
C GLU C 221 41.19 11.50 2.96
N ALA C 222 40.12 11.08 2.28
CA ALA C 222 39.76 9.66 2.19
C ALA C 222 40.65 8.83 1.25
N SER C 223 41.46 9.52 0.44
CA SER C 223 42.34 8.84 -0.52
C SER C 223 43.52 8.14 0.16
N GLN C 224 44.01 8.71 1.25
CA GLN C 224 45.13 8.12 2.01
C GLN C 224 44.71 6.92 2.86
N HIS C 225 43.42 6.57 2.80
CA HIS C 225 42.90 5.39 3.50
C HIS C 225 42.30 4.38 2.51
N LEU C 226 42.22 4.79 1.24
CA LEU C 226 41.60 3.98 0.18
C LEU C 226 42.35 2.69 -0.14
N ASP C 227 43.68 2.78 -0.15
CA ASP C 227 44.56 1.65 -0.49
C ASP C 227 44.46 0.52 0.54
N ALA C 228 44.48 0.89 1.81
CA ALA C 228 44.40 -0.07 2.92
C ALA C 228 43.00 -0.68 3.05
N ALA C 229 41.98 0.09 2.67
CA ALA C 229 40.59 -0.34 2.73
C ALA C 229 40.31 -1.53 1.83
N LEU C 230 40.77 -1.44 0.58
CA LEU C 230 40.59 -2.50 -0.41
C LEU C 230 41.17 -3.84 0.05
N ALA C 231 42.38 -3.80 0.60
CA ALA C 231 43.09 -5.01 1.07
C ALA C 231 42.40 -5.68 2.25
N ARG C 232 41.73 -4.87 3.08
CA ARG C 232 41.00 -5.36 4.23
C ARG C 232 39.70 -6.07 3.82
N LEU C 233 39.14 -5.66 2.69
CA LEU C 233 37.92 -6.27 2.14
C LEU C 233 38.21 -7.58 1.41
N ARG C 234 39.29 -7.59 0.63
CA ARG C 234 39.66 -8.74 -0.19
CA ARG C 234 39.66 -8.74 -0.19
C ARG C 234 40.08 -9.95 0.64
N ASN C 235 40.30 -9.72 1.94
CA ASN C 235 40.63 -10.80 2.88
C ASN C 235 39.40 -11.57 3.36
N GLU C 236 38.21 -11.04 3.07
CA GLU C 236 36.95 -11.62 3.53
C GLU C 236 35.83 -11.67 2.49
N MET C 237 36.06 -11.08 1.32
CA MET C 237 35.17 -11.25 0.17
C MET C 237 35.94 -11.23 -1.16
N ASP C 238 35.53 -12.09 -2.08
CA ASP C 238 36.33 -12.39 -3.27
C ASP C 238 36.21 -11.40 -4.44
N ASP C 239 35.39 -10.36 -4.28
CA ASP C 239 35.31 -9.26 -5.25
C ASP C 239 34.44 -8.11 -4.72
N PRO C 240 35.06 -7.17 -3.99
CA PRO C 240 34.34 -6.04 -3.38
C PRO C 240 33.59 -5.17 -4.40
N ALA C 241 34.21 -4.92 -5.55
CA ALA C 241 33.62 -4.08 -6.59
C ALA C 241 32.42 -4.74 -7.27
N LEU C 242 32.45 -6.07 -7.37
CA LEU C 242 31.36 -6.81 -7.98
C LEU C 242 30.18 -6.95 -7.03
N HIS C 243 30.46 -7.12 -5.74
CA HIS C 243 29.42 -7.18 -4.71
C HIS C 243 28.61 -5.88 -4.64
N ILE C 244 29.28 -4.76 -4.82
CA ILE C 244 28.62 -3.46 -4.94
C ILE C 244 27.73 -3.46 -6.19
N ALA C 245 28.29 -3.92 -7.30
CA ALA C 245 27.55 -4.03 -8.57
C ALA C 245 26.40 -5.02 -8.47
N ASP C 246 26.66 -6.19 -7.88
CA ASP C 246 25.64 -7.23 -7.71
C ASP C 246 24.47 -6.79 -6.83
N ALA C 247 24.80 -6.13 -5.72
CA ALA C 247 23.79 -5.66 -4.77
C ALA C 247 22.82 -4.66 -5.40
N ARG C 248 23.35 -3.77 -6.23
CA ARG C 248 22.54 -2.82 -6.98
C ARG C 248 21.64 -3.52 -8.01
N TYR C 249 22.20 -4.49 -8.72
CA TYR C 249 21.42 -5.30 -9.65
C TYR C 249 20.29 -6.05 -8.93
N GLN C 250 20.63 -6.67 -7.80
CA GLN C 250 19.67 -7.40 -6.97
C GLN C 250 18.52 -6.49 -6.53
N CYS C 251 18.87 -5.30 -6.07
CA CYS C 251 17.90 -4.32 -5.60
C CYS C 251 16.92 -3.90 -6.70
N ILE C 252 17.45 -3.59 -7.88
CA ILE C 252 16.62 -3.20 -9.03
C ILE C 252 15.73 -4.36 -9.49
N ALA C 253 16.31 -5.55 -9.60
CA ALA C 253 15.59 -6.73 -10.07
C ALA C 253 14.53 -7.20 -9.06
N ALA C 254 14.80 -6.96 -7.78
CA ALA C 254 13.83 -7.23 -6.72
C ALA C 254 12.63 -6.30 -6.84
N ILE C 255 12.90 -5.00 -6.96
CA ILE C 255 11.86 -3.99 -7.15
C ILE C 255 10.98 -4.29 -8.37
N CYS C 256 11.61 -4.63 -9.50
CA CYS C 256 10.89 -4.90 -10.74
C CYS C 256 9.98 -6.12 -10.68
N ASP C 257 10.46 -7.21 -10.07
CA ASP C 257 9.68 -8.44 -9.96
C ASP C 257 8.48 -8.31 -9.02
N VAL C 258 8.63 -7.51 -7.97
CA VAL C 258 7.57 -7.29 -6.98
C VAL C 258 6.51 -6.28 -7.47
N VAL C 259 6.89 -5.44 -8.44
CA VAL C 259 6.07 -4.31 -8.84
C VAL C 259 5.47 -4.43 -10.26
N SER C 260 6.19 -5.11 -11.15
CA SER C 260 5.80 -5.10 -12.58
C SER C 260 5.41 -6.46 -13.17
N ASN C 261 5.36 -6.47 -14.51
CA ASN C 261 4.90 -7.60 -15.34
C ASN C 261 3.42 -7.92 -15.20
CM' AGO D . 6.90 -32.54 -16.55
N2' AGO D . 5.52 -32.41 -16.06
C2' AGO D . 4.87 -31.26 -16.16
C3' AGO D . 4.19 -30.94 -17.35
C4' AGO D . 3.50 -29.73 -17.47
C5' AGO D . 3.48 -28.83 -16.41
C6' AGO D . 4.14 -29.14 -15.22
C1' AGO D . 4.85 -30.35 -15.09
C' AGO D . 5.56 -30.67 -13.77
O1' AGO D . 6.68 -31.16 -13.76
O3' AGO D . 4.91 -30.43 -12.60
C3B AGO D . 5.55 -29.56 -11.64
C2B AGO D . 6.10 -28.24 -12.15
O2' AGO D . 7.25 -28.05 -12.57
C4B AGO D . 4.36 -29.11 -10.78
C5B AGO D . 4.59 -29.40 -9.29
O5' AGO D . 5.77 -28.73 -8.81
PA AGO D . 6.53 -29.23 -7.48
O1A AGO D . 7.71 -28.38 -7.27
O2A AGO D . 6.70 -30.69 -7.55
O3A AGO D . 5.43 -28.91 -6.36
PB AGO D . 5.54 -29.50 -4.88
O1B AGO D . 4.87 -28.55 -3.97
O2B AGO D . 6.95 -29.88 -4.62
N3B AGO D . 4.63 -30.84 -5.00
PG AGO D . 4.74 -31.84 -3.71
O2G AGO D . 3.96 -31.14 -2.49
O3G AGO D . 3.81 -33.12 -4.10
O1G AGO D . 6.12 -32.25 -3.36
O4' AGO D . 4.16 -27.67 -10.99
C1B AGO D . 5.01 -27.19 -12.06
N9 AGO D . 5.46 -25.86 -11.59
C8 AGO D . 6.12 -25.61 -10.46
N7 AGO D . 6.34 -24.30 -10.34
C5 AGO D . 5.82 -23.70 -11.41
C4 AGO D . 5.26 -24.69 -12.21
N3 AGO D . 4.65 -24.36 -13.36
C2 AGO D . 4.57 -23.09 -13.78
N2 AGO D . 3.97 -22.80 -14.93
N1 AGO D . 5.13 -22.06 -13.02
C6 AGO D . 5.77 -22.37 -11.81
O6 AGO D . 6.27 -21.48 -11.13
MG MG E . 7.97 -31.59 -3.11
CM' AGO F . -34.14 -6.17 -13.00
N2' AGO F . -34.19 -4.99 -13.89
C2' AGO F . -33.11 -4.62 -14.59
C3' AGO F . -32.79 -5.33 -15.76
C4' AGO F . -31.68 -4.98 -16.52
C5' AGO F . -30.88 -3.91 -16.12
C6' AGO F . -31.21 -3.20 -14.96
C1' AGO F . -32.32 -3.54 -14.19
C' AGO F . -32.63 -2.72 -12.92
O1' AGO F . -33.53 -3.04 -12.14
O3' AGO F . -31.91 -1.58 -12.68
C3B AGO F . -31.05 -1.61 -11.50
C2B AGO F . -30.06 -2.77 -11.44
O2' AGO F . -30.32 -3.91 -11.06
C4B AGO F . -30.12 -0.40 -11.65
C5B AGO F . -30.21 0.50 -10.41
O5' AGO F . -29.86 -0.22 -9.22
PA AGO F . -30.25 0.36 -7.79
O1A AGO F . -29.74 -0.56 -6.75
O2A AGO F . -31.69 0.73 -7.78
O3A AGO F . -29.38 1.70 -7.78
PB AGO F . -29.72 2.91 -6.79
O1B AGO F . -28.47 3.64 -6.51
O2B AGO F . -30.54 2.40 -5.66
N3B AGO F . -30.64 3.81 -7.76
PG AGO F . -31.19 5.18 -7.05
O2G AGO F . -29.91 6.11 -6.78
O3G AGO F . -32.01 5.91 -8.22
O1G AGO F . -31.99 4.95 -5.84
O4' AGO F . -28.74 -0.85 -11.72
C1B AGO F . -28.71 -2.29 -11.95
N9 AGO F . -27.52 -2.78 -11.20
C8 AGO F . -27.30 -2.67 -9.88
N7 AGO F . -26.12 -3.22 -9.58
C5 AGO F . -25.58 -3.69 -10.71
C4 AGO F . -26.48 -3.40 -11.74
N3 AGO F . -26.20 -3.75 -13.01
C2 AGO F . -25.06 -4.39 -13.32
N2 AGO F . -24.83 -4.73 -14.58
N1 AGO F . -24.13 -4.71 -12.32
C6 AGO F . -24.39 -4.34 -10.99
O6 AGO F . -23.58 -4.62 -10.11
MG MG G . -32.42 3.23 -4.94
CM' AGO H . 8.80 13.39 -33.89
N2' AGO H . 8.23 12.06 -33.63
C2' AGO H . 9.03 11.00 -33.53
C3' AGO H . 9.52 10.38 -34.68
C4' AGO H . 10.36 9.28 -34.57
C5' AGO H . 10.72 8.79 -33.31
C6' AGO H . 10.22 9.41 -32.17
C1' AGO H . 9.39 10.52 -32.27
C' AGO H . 8.85 11.19 -31.00
O1' AGO H . 7.85 10.76 -30.43
O3' AGO H . 9.49 12.29 -30.49
C3B AGO H . 9.16 12.47 -29.10
C2B AGO H . 7.77 11.96 -28.82
O2' AGO H . 6.72 12.52 -29.15
C4B AGO H . 10.02 11.57 -28.21
C5B AGO H . 10.28 12.25 -26.86
O5' AGO H . 11.50 12.99 -26.91
PA AGO H . 11.99 13.94 -25.69
O1A AGO H . 10.80 14.44 -24.97
O2A AGO H . 12.99 14.89 -26.19
O3A AGO H . 12.74 12.89 -24.74
PB AGO H . 14.03 13.42 -23.94
O1B AGO H . 14.37 12.45 -22.88
O2B AGO H . 13.81 14.83 -23.59
N3B AGO H . 15.18 13.38 -25.09
PG AGO H . 16.65 13.43 -24.38
O2G AGO H . 16.45 12.76 -22.93
O3G AGO H . 17.55 12.38 -25.21
O1G AGO H . 17.23 14.79 -24.32
O4' AGO H . 9.28 10.33 -28.05
C1B AGO H . 7.86 10.64 -28.05
N9 AGO H . 7.29 10.77 -26.69
C8 AGO H . 7.67 11.64 -25.75
N7 AGO H . 6.93 11.45 -24.66
C5 AGO H . 6.06 10.47 -24.91
C4 AGO H . 6.30 10.04 -26.20
N3 AGO H . 5.57 9.05 -26.73
C2 AGO H . 4.60 8.44 -26.03
N2 AGO H . 3.90 7.46 -26.58
N1 AGO H . 4.32 8.84 -24.72
C6 AGO H . 5.07 9.87 -24.15
O6 AGO H . 4.85 10.24 -23.00
MG MG I . 15.28 15.45 -24.20
#